data_8PT8
#
_entry.id   8PT8
#
_cell.length_a   107.720
_cell.length_b   107.720
_cell.length_c   99.085
_cell.angle_alpha   90.00
_cell.angle_beta   90.00
_cell.angle_gamma   120.00
#
_symmetry.space_group_name_H-M   'P 31'
#
loop_
_entity.id
_entity.type
_entity.pdbx_description
1 polymer 'Mitogen-activated protein kinase 8'
2 non-polymer 'methyl (1R,3R)-1-methyl-3-[[3-[[3-methyl-4-[(4-pyridin-3-ylpyrimidin-2-yl)amino]phenyl]carbamoyl]phenyl]methylcarbamoyl]-4-oxidanylidene-cyclohexane-1-carboxylate'
3 non-polymer GLYCEROL
4 water water
#
_entity_poly.entity_id   1
_entity_poly.type   'polypeptide(L)'
_entity_poly.pdbx_seq_one_letter_code
;GSMSRSKRDNNFYSVEIGDSTFTVLKRYQNLKPIGSGAQGIVCAAYDAILERNVAIKKLSRPFQNQTHAKRAYRELVLMK
CVNHKNIIGLLNVFTPQKSLEEFQDVYIVMELMDANLCQVIQMELDHERMSYLLYQMLCGIKHLHSAGIIHRDLKPSNIV
VKSDCTLKILDFGLARTAGTSFMMTPYVVTRYYRAPEVILGMGYKENVDIWSVGCIMGEMIKGGVLFPGTDHIDQWNKVI
EQLGTPCPEFMKKLQPTVRTYVENRPKYAGYSFEKLFPDVLFPADSEHNKLKASQARDLLSKMLVIDASKRISVDEALQH
PYINVWYDPSEAEAPPPKIPDKQLDEREHTIEEWKELIYKEVMDLE
;
_entity_poly.pdbx_strand_id   A,B,C
#
# COMPACT_ATOMS: atom_id res chain seq x y z
N ASP A 9 -63.27 -12.45 3.08
CA ASP A 9 -63.75 -11.07 3.08
C ASP A 9 -62.59 -10.08 3.19
N ASN A 10 -62.52 -9.40 4.33
CA ASN A 10 -61.45 -8.44 4.57
C ASN A 10 -60.15 -9.15 4.83
N ASN A 11 -59.08 -8.72 4.17
CA ASN A 11 -57.74 -9.25 4.41
C ASN A 11 -56.79 -8.21 4.96
N PHE A 12 -57.27 -6.98 5.19
CA PHE A 12 -56.48 -5.91 5.78
C PHE A 12 -57.21 -5.38 7.00
N TYR A 13 -56.48 -4.73 7.91
CA TYR A 13 -57.14 -4.09 9.07
C TYR A 13 -56.48 -2.78 9.45
N SER A 14 -57.26 -1.94 10.14
CA SER A 14 -57.01 -0.51 10.30
C SER A 14 -56.65 -0.15 11.74
N VAL A 15 -55.77 0.84 11.89
CA VAL A 15 -55.62 1.54 13.17
C VAL A 15 -54.94 2.89 12.92
N GLU A 16 -55.44 3.94 13.58
CA GLU A 16 -54.88 5.29 13.52
C GLU A 16 -53.71 5.41 14.48
N ILE A 17 -52.48 5.45 13.96
CA ILE A 17 -51.28 5.56 14.78
C ILE A 17 -50.41 6.74 14.35
N GLY A 18 -49.70 7.32 15.31
CA GLY A 18 -48.80 8.45 15.09
C GLY A 18 -49.34 9.54 14.20
N ASP A 19 -50.57 9.99 14.46
CA ASP A 19 -51.23 11.05 13.72
C ASP A 19 -51.55 10.64 12.30
N SER A 20 -51.50 9.34 11.99
CA SER A 20 -51.67 8.88 10.62
C SER A 20 -52.52 7.63 10.63
N THR A 21 -53.28 7.43 9.56
CA THR A 21 -54.09 6.24 9.43
C THR A 21 -53.21 5.11 8.86
N PHE A 22 -53.10 4.03 9.63
CA PHE A 22 -52.26 2.89 9.29
C PHE A 22 -53.14 1.68 9.05
N THR A 23 -52.97 1.02 7.90
CA THR A 23 -53.74 -0.16 7.55
C THR A 23 -52.87 -1.22 6.88
N VAL A 24 -52.74 -2.40 7.51
CA VAL A 24 -51.93 -3.51 7.00
C VAL A 24 -52.65 -4.82 7.30
N LEU A 25 -52.05 -5.94 6.87
CA LEU A 25 -52.62 -7.27 7.07
C LEU A 25 -52.73 -7.64 8.57
N LYS A 26 -53.71 -8.50 8.88
CA LYS A 26 -54.01 -8.84 10.27
C LYS A 26 -52.97 -9.74 10.93
N ARG A 27 -52.10 -10.39 10.14
CA ARG A 27 -51.02 -11.20 10.72
C ARG A 27 -50.25 -10.42 11.78
N TYR A 28 -49.99 -9.14 11.51
CA TYR A 28 -49.30 -8.27 12.46
C TYR A 28 -50.33 -7.58 13.34
N GLN A 29 -50.09 -7.58 14.65
CA GLN A 29 -51.03 -6.99 15.61
C GLN A 29 -50.26 -6.32 16.74
N ASN A 30 -51.01 -5.66 17.64
CA ASN A 30 -50.45 -4.89 18.74
C ASN A 30 -49.39 -3.92 18.25
N LEU A 31 -49.80 -3.05 17.32
CA LEU A 31 -48.89 -2.12 16.68
C LEU A 31 -48.24 -1.20 17.70
N LYS A 32 -46.93 -1.05 17.61
CA LYS A 32 -46.17 -0.15 18.47
C LYS A 32 -45.27 0.70 17.58
N PRO A 33 -45.48 2.01 17.52
CA PRO A 33 -44.69 2.84 16.62
C PRO A 33 -43.30 3.11 17.21
N ILE A 34 -42.41 3.57 16.33
CA ILE A 34 -41.06 3.96 16.82
C ILE A 34 -41.21 5.36 17.42
N GLY A 35 -40.56 5.61 18.56
CA GLY A 35 -40.64 6.90 19.26
C GLY A 35 -39.62 7.89 18.77
N SER A 36 -38.82 7.50 17.78
CA SER A 36 -37.76 8.35 17.18
C SER A 36 -38.42 9.58 16.56
N GLY A 37 -39.56 9.39 15.89
CA GLY A 37 -40.29 10.51 15.25
C GLY A 37 -39.70 10.89 13.91
N ALA A 38 -38.81 10.04 13.38
CA ALA A 38 -38.13 10.28 12.08
C ALA A 38 -39.07 10.07 10.89
N GLN A 39 -38.70 10.63 9.73
CA GLN A 39 -39.52 10.51 8.50
C GLN A 39 -39.58 9.04 8.07
N GLY A 40 -40.74 8.62 7.58
CA GLY A 40 -40.99 7.22 7.19
C GLY A 40 -41.69 6.54 8.36
N ILE A 41 -43.01 6.40 8.27
CA ILE A 41 -43.79 5.83 9.40
C ILE A 41 -43.48 4.34 9.54
N VAL A 42 -42.89 3.93 10.66
CA VAL A 42 -42.62 2.52 10.88
C VAL A 42 -43.06 2.18 12.30
N CYS A 43 -43.58 0.97 12.46
CA CYS A 43 -44.04 0.47 13.75
C CYS A 43 -43.57 -0.97 13.90
N ALA A 44 -43.48 -1.42 15.14
CA ALA A 44 -43.07 -2.79 15.41
C ALA A 44 -44.30 -3.62 15.72
N ALA A 45 -44.38 -4.79 15.10
CA ALA A 45 -45.47 -5.73 15.30
C ALA A 45 -44.91 -7.13 15.22
N TYR A 46 -45.75 -8.10 15.56
CA TYR A 46 -45.37 -9.50 15.59
C TYR A 46 -46.16 -10.29 14.54
N ASP A 47 -45.45 -10.95 13.63
CA ASP A 47 -46.07 -11.71 12.56
C ASP A 47 -46.37 -13.13 13.04
N ALA A 48 -47.63 -13.54 12.96
CA ALA A 48 -48.04 -14.83 13.52
C ALA A 48 -47.53 -16.01 12.68
N ILE A 49 -47.52 -15.87 11.34
CA ILE A 49 -47.36 -17.03 10.46
C ILE A 49 -45.98 -17.68 10.66
N LEU A 50 -44.91 -16.89 10.57
CA LEU A 50 -43.55 -17.40 10.73
C LEU A 50 -42.96 -17.15 12.11
N GLU A 51 -43.77 -16.63 13.03
CA GLU A 51 -43.40 -16.46 14.43
C GLU A 51 -42.16 -15.57 14.61
N ARG A 52 -42.19 -14.38 14.00
CA ARG A 52 -41.09 -13.44 14.15
C ARG A 52 -41.66 -12.03 14.20
N ASN A 53 -41.01 -11.17 14.99
CA ASN A 53 -41.33 -9.75 15.08
C ASN A 53 -40.84 -9.02 13.83
N VAL A 54 -41.59 -7.98 13.43
CA VAL A 54 -41.32 -7.32 12.16
C VAL A 54 -41.38 -5.80 12.29
N ALA A 55 -40.63 -5.12 11.44
CA ALA A 55 -40.70 -3.66 11.27
C ALA A 55 -41.46 -3.36 9.98
N ILE A 56 -42.41 -2.43 10.04
CA ILE A 56 -43.30 -2.13 8.93
C ILE A 56 -43.23 -0.65 8.60
N LYS A 57 -42.85 -0.30 7.38
CA LYS A 57 -42.72 1.08 6.95
C LYS A 57 -43.73 1.37 5.85
N LYS A 58 -44.47 2.46 6.01
CA LYS A 58 -45.51 2.85 5.06
C LYS A 58 -45.05 3.96 4.13
N LEU A 59 -45.36 3.82 2.85
CA LEU A 59 -45.25 4.94 1.93
C LEU A 59 -46.51 5.79 2.08
N SER A 60 -46.36 7.06 2.48
CA SER A 60 -47.52 7.92 2.65
C SER A 60 -48.27 8.11 1.33
N ARG A 61 -47.58 8.66 0.32
CA ARG A 61 -48.11 8.80 -1.04
C ARG A 61 -46.86 8.73 -1.89
N PRO A 62 -46.58 7.58 -2.49
CA PRO A 62 -45.30 7.44 -3.20
C PRO A 62 -45.13 8.46 -4.30
N PHE A 63 -46.22 8.99 -4.83
CA PHE A 63 -46.22 9.83 -6.02
C PHE A 63 -46.57 11.29 -5.75
N GLN A 64 -46.15 11.83 -4.61
CA GLN A 64 -46.36 13.26 -4.38
C GLN A 64 -45.65 14.09 -5.45
N ASN A 65 -44.44 13.68 -5.84
CA ASN A 65 -43.70 14.34 -6.90
C ASN A 65 -42.71 13.34 -7.48
N GLN A 66 -41.95 13.78 -8.48
CA GLN A 66 -41.03 12.87 -9.16
C GLN A 66 -39.90 12.41 -8.25
N THR A 67 -39.49 13.24 -7.30
CA THR A 67 -38.41 12.83 -6.39
C THR A 67 -38.82 11.66 -5.50
N HIS A 68 -40.09 11.59 -5.11
CA HIS A 68 -40.52 10.52 -4.21
C HIS A 68 -40.55 9.17 -4.91
N ALA A 69 -41.26 9.08 -6.03
CA ALA A 69 -41.44 7.81 -6.72
C ALA A 69 -40.11 7.20 -7.13
N LYS A 70 -39.17 8.05 -7.61
CA LYS A 70 -37.86 7.57 -8.02
C LYS A 70 -37.14 6.87 -6.88
N ARG A 71 -37.19 7.43 -5.69
CA ARG A 71 -36.45 6.79 -4.58
C ARG A 71 -37.25 5.59 -4.10
N ALA A 72 -38.59 5.72 -4.10
CA ALA A 72 -39.42 4.60 -3.64
C ALA A 72 -39.26 3.39 -4.55
N TYR A 73 -39.29 3.60 -5.87
CA TYR A 73 -39.09 2.49 -6.80
C TYR A 73 -37.70 1.89 -6.65
N ARG A 74 -36.69 2.73 -6.52
CA ARG A 74 -35.32 2.27 -6.35
C ARG A 74 -35.19 1.30 -5.18
N GLU A 75 -35.67 1.70 -4.01
CA GLU A 75 -35.42 0.91 -2.80
C GLU A 75 -36.19 -0.41 -2.82
N LEU A 76 -37.38 -0.43 -3.41
CA LEU A 76 -38.15 -1.68 -3.46
C LEU A 76 -37.47 -2.71 -4.35
N VAL A 77 -37.14 -2.33 -5.59
CA VAL A 77 -36.61 -3.30 -6.54
C VAL A 77 -35.27 -3.85 -6.10
N LEU A 78 -34.38 -2.99 -5.60
CA LEU A 78 -33.05 -3.45 -5.26
C LEU A 78 -33.04 -4.22 -3.94
N MET A 79 -33.91 -3.85 -2.99
CA MET A 79 -33.96 -4.59 -1.74
C MET A 79 -34.59 -5.97 -1.94
N LYS A 80 -35.42 -6.12 -2.96
CA LYS A 80 -36.00 -7.42 -3.26
C LYS A 80 -34.96 -8.39 -3.83
N CYS A 81 -33.92 -7.89 -4.50
CA CYS A 81 -32.98 -8.78 -5.19
C CYS A 81 -31.55 -8.77 -4.68
N VAL A 82 -31.23 -8.06 -3.60
CA VAL A 82 -29.95 -8.24 -2.91
C VAL A 82 -30.22 -8.96 -1.60
N ASN A 83 -29.35 -9.91 -1.26
CA ASN A 83 -29.55 -10.83 -0.13
C ASN A 83 -28.19 -10.97 0.55
N HIS A 84 -28.00 -10.23 1.64
CA HIS A 84 -26.71 -10.19 2.31
C HIS A 84 -26.90 -10.04 3.80
N LYS A 85 -25.92 -10.52 4.56
CA LYS A 85 -26.00 -10.47 6.01
C LYS A 85 -25.99 -9.03 6.54
N ASN A 86 -25.26 -8.14 5.88
CA ASN A 86 -25.05 -6.80 6.38
C ASN A 86 -25.96 -5.78 5.71
N ILE A 87 -26.85 -6.22 4.83
CA ILE A 87 -27.87 -5.36 4.22
C ILE A 87 -29.23 -5.87 4.66
N ILE A 88 -30.11 -4.95 5.06
CA ILE A 88 -31.44 -5.36 5.48
C ILE A 88 -32.18 -5.98 4.29
N GLY A 89 -33.03 -6.96 4.59
CA GLY A 89 -33.74 -7.66 3.54
C GLY A 89 -35.22 -7.44 3.58
N LEU A 90 -35.91 -7.73 2.47
CA LEU A 90 -37.34 -7.56 2.35
C LEU A 90 -38.05 -8.90 2.47
N LEU A 91 -39.08 -8.95 3.31
CA LEU A 91 -39.86 -10.17 3.51
C LEU A 91 -41.13 -10.18 2.67
N ASN A 92 -41.96 -9.15 2.82
CA ASN A 92 -43.23 -9.08 2.10
C ASN A 92 -43.52 -7.62 1.77
N VAL A 93 -44.22 -7.40 0.65
CA VAL A 93 -44.67 -6.07 0.25
C VAL A 93 -46.13 -6.17 -0.17
N PHE A 94 -46.91 -5.17 0.21
CA PHE A 94 -48.35 -5.20 -0.07
C PHE A 94 -48.94 -3.81 0.11
N THR A 95 -50.10 -3.60 -0.52
CA THR A 95 -50.91 -2.41 -0.35
C THR A 95 -52.37 -2.82 -0.29
N PRO A 96 -53.17 -2.16 0.55
CA PRO A 96 -54.57 -2.60 0.71
C PRO A 96 -55.42 -2.40 -0.53
N GLN A 97 -55.25 -1.28 -1.24
CA GLN A 97 -56.04 -1.03 -2.45
C GLN A 97 -55.75 -2.09 -3.49
N LYS A 98 -56.81 -2.63 -4.11
CA LYS A 98 -56.66 -3.75 -5.03
C LYS A 98 -56.57 -3.34 -6.49
N SER A 99 -56.99 -2.13 -6.84
CA SER A 99 -56.87 -1.64 -8.20
C SER A 99 -56.05 -0.36 -8.23
N LEU A 100 -55.40 -0.07 -9.35
CA LEU A 100 -54.54 1.13 -9.43
C LEU A 100 -55.35 2.41 -9.24
N GLU A 101 -56.65 2.36 -9.50
CA GLU A 101 -57.44 3.62 -9.44
C GLU A 101 -57.16 4.32 -8.12
N GLU A 102 -57.43 3.63 -7.01
CA GLU A 102 -57.26 4.28 -5.70
C GLU A 102 -55.98 3.74 -5.10
N PHE A 103 -55.25 2.95 -5.86
CA PHE A 103 -53.99 2.56 -5.25
C PHE A 103 -53.15 3.80 -5.00
N GLN A 104 -52.90 4.09 -3.72
CA GLN A 104 -52.21 5.32 -3.34
C GLN A 104 -51.18 5.16 -2.23
N ASP A 105 -51.19 4.06 -1.48
CA ASP A 105 -50.22 3.83 -0.41
C ASP A 105 -49.56 2.48 -0.61
N VAL A 106 -48.41 2.29 0.02
CA VAL A 106 -47.66 1.04 -0.05
C VAL A 106 -47.01 0.80 1.31
N TYR A 107 -46.97 -0.47 1.72
CA TYR A 107 -46.38 -0.85 2.99
C TYR A 107 -45.24 -1.84 2.77
N ILE A 108 -44.22 -1.76 3.63
CA ILE A 108 -43.04 -2.61 3.54
C ILE A 108 -42.75 -3.20 4.91
N VAL A 109 -42.65 -4.54 4.97
CA VAL A 109 -42.26 -5.24 6.19
C VAL A 109 -40.85 -5.77 5.98
N MET A 110 -40.11 -5.89 7.09
CA MET A 110 -38.76 -6.45 7.02
C MET A 110 -38.39 -6.96 8.41
N GLU A 111 -37.24 -7.65 8.47
CA GLU A 111 -36.77 -8.20 9.73
C GLU A 111 -36.48 -7.09 10.73
N LEU A 112 -36.96 -7.26 11.96
CA LEU A 112 -36.80 -6.26 12.99
C LEU A 112 -35.41 -6.33 13.60
N MET A 113 -34.90 -5.17 13.98
CA MET A 113 -33.60 -5.04 14.62
C MET A 113 -33.80 -4.31 15.94
N ASP A 114 -32.85 -4.51 16.85
CA ASP A 114 -33.07 -4.03 18.22
C ASP A 114 -32.92 -2.52 18.32
N ALA A 115 -31.96 -1.93 17.62
CA ALA A 115 -31.63 -0.53 17.88
C ALA A 115 -30.90 0.06 16.68
N ASN A 116 -30.65 1.36 16.75
CA ASN A 116 -29.87 2.08 15.76
C ASN A 116 -28.39 1.94 16.09
N LEU A 117 -27.53 2.32 15.14
CA LEU A 117 -26.12 2.36 15.45
C LEU A 117 -25.79 3.57 16.32
N CYS A 118 -26.65 4.59 16.29
CA CYS A 118 -26.47 5.80 17.08
C CYS A 118 -26.44 5.52 18.56
N GLN A 119 -27.45 4.82 19.06
CA GLN A 119 -27.51 4.52 20.49
C GLN A 119 -26.41 3.54 20.90
N VAL A 120 -26.01 2.64 20.00
CA VAL A 120 -24.94 1.71 20.34
C VAL A 120 -23.65 2.47 20.62
N ILE A 121 -23.44 3.60 19.94
CA ILE A 121 -22.24 4.40 20.14
C ILE A 121 -22.23 5.03 21.53
N GLN A 122 -23.41 5.30 22.11
CA GLN A 122 -23.46 5.89 23.44
C GLN A 122 -22.90 4.96 24.50
N MET A 123 -23.24 3.67 24.43
CA MET A 123 -22.74 2.72 25.41
C MET A 123 -21.29 2.36 25.09
N GLU A 124 -20.47 2.25 26.11
CA GLU A 124 -19.09 1.93 25.92
C GLU A 124 -19.00 0.59 25.30
N LEU A 125 -18.05 0.44 24.41
CA LEU A 125 -17.80 -0.78 23.70
C LEU A 125 -16.34 -1.10 23.77
N ASP A 126 -15.97 -2.19 23.13
CA ASP A 126 -14.62 -2.63 23.13
C ASP A 126 -14.17 -2.87 21.73
N HIS A 127 -12.88 -3.06 21.54
CA HIS A 127 -12.31 -3.25 20.22
C HIS A 127 -12.91 -4.43 19.50
N GLU A 128 -13.21 -5.52 20.19
CA GLU A 128 -13.82 -6.61 19.52
C GLU A 128 -15.16 -6.19 18.96
N ARG A 129 -15.97 -5.50 19.74
CA ARG A 129 -17.25 -5.07 19.21
C ARG A 129 -17.20 -3.98 18.17
N MET A 130 -16.32 -3.02 18.35
CA MET A 130 -16.24 -1.96 17.40
C MET A 130 -15.84 -2.46 16.04
N SER A 131 -14.78 -3.23 15.99
CA SER A 131 -14.31 -3.70 14.72
C SER A 131 -15.27 -4.57 13.98
N TYR A 132 -15.94 -5.47 14.67
CA TYR A 132 -16.89 -6.37 13.99
C TYR A 132 -18.00 -5.55 13.39
N LEU A 133 -18.36 -4.47 14.07
CA LEU A 133 -19.44 -3.57 13.56
C LEU A 133 -18.96 -2.90 12.27
N LEU A 134 -17.70 -2.48 12.25
CA LEU A 134 -17.13 -1.82 11.06
C LEU A 134 -16.97 -2.87 9.97
N TYR A 135 -16.38 -4.01 10.32
CA TYR A 135 -16.19 -5.12 9.36
C TYR A 135 -17.48 -5.35 8.60
N GLN A 136 -18.56 -5.46 9.35
CA GLN A 136 -19.83 -5.72 8.69
C GLN A 136 -20.20 -4.58 7.75
N MET A 137 -19.98 -3.33 8.18
CA MET A 137 -20.31 -2.18 7.35
C MET A 137 -19.53 -2.19 6.04
N LEU A 138 -18.24 -2.48 6.10
CA LEU A 138 -17.40 -2.45 4.91
C LEU A 138 -17.80 -3.52 3.91
N CYS A 139 -18.14 -4.72 4.40
CA CYS A 139 -18.61 -5.75 3.48
C CYS A 139 -20.05 -5.51 3.06
N GLY A 140 -20.80 -4.73 3.86
CA GLY A 140 -22.09 -4.26 3.39
C GLY A 140 -21.95 -3.29 2.24
N ILE A 141 -21.04 -2.32 2.36
CA ILE A 141 -20.81 -1.38 1.28
C ILE A 141 -20.04 -2.04 0.13
N LYS A 142 -19.12 -2.97 0.45
CA LYS A 142 -18.38 -3.66 -0.61
C LYS A 142 -19.32 -4.49 -1.47
N HIS A 143 -20.32 -5.13 -0.85
CA HIS A 143 -21.34 -5.83 -1.63
C HIS A 143 -22.14 -4.86 -2.48
N LEU A 144 -22.37 -3.65 -1.97
CA LEU A 144 -23.08 -2.63 -2.75
C LEU A 144 -22.22 -2.09 -3.88
N HIS A 145 -20.93 -1.81 -3.60
CA HIS A 145 -20.06 -1.26 -4.63
C HIS A 145 -19.85 -2.24 -5.78
N SER A 146 -19.75 -3.53 -5.46
CA SER A 146 -19.62 -4.55 -6.51
C SER A 146 -20.86 -4.58 -7.39
N ALA A 147 -22.02 -4.28 -6.84
CA ALA A 147 -23.23 -4.15 -7.62
C ALA A 147 -23.29 -2.85 -8.43
N GLY A 148 -22.37 -1.91 -8.16
CA GLY A 148 -22.37 -0.65 -8.85
C GLY A 148 -23.18 0.44 -8.18
N ILE A 149 -23.30 0.40 -6.86
CA ILE A 149 -24.14 1.32 -6.09
C ILE A 149 -23.27 2.04 -5.09
N ILE A 150 -23.24 3.37 -5.17
CA ILE A 150 -22.51 4.20 -4.22
C ILE A 150 -23.53 4.81 -3.27
N HIS A 151 -23.39 4.51 -1.97
CA HIS A 151 -24.39 4.95 -1.01
C HIS A 151 -24.35 6.45 -0.82
N ARG A 152 -23.23 6.98 -0.34
CA ARG A 152 -22.95 8.41 -0.16
C ARG A 152 -23.83 9.03 0.92
N ASP A 153 -24.71 8.25 1.54
CA ASP A 153 -25.61 8.74 2.58
C ASP A 153 -25.44 7.95 3.88
N LEU A 154 -24.29 7.31 4.06
CA LEU A 154 -24.06 6.49 5.24
C LEU A 154 -24.05 7.34 6.50
N LYS A 155 -24.85 6.94 7.49
CA LYS A 155 -24.98 7.66 8.74
C LYS A 155 -25.45 6.68 9.81
N PRO A 156 -25.25 7.00 11.09
CA PRO A 156 -25.69 6.07 12.16
C PRO A 156 -27.19 5.81 12.16
N SER A 157 -28.00 6.76 11.70
CA SER A 157 -29.46 6.57 11.69
C SER A 157 -29.92 5.70 10.54
N ASN A 158 -29.06 5.39 9.58
CA ASN A 158 -29.38 4.47 8.49
C ASN A 158 -28.83 3.09 8.77
N ILE A 159 -28.28 2.86 9.96
CA ILE A 159 -27.60 1.63 10.31
C ILE A 159 -28.26 1.04 11.55
N VAL A 160 -28.57 -0.25 11.48
CA VAL A 160 -29.21 -0.95 12.59
C VAL A 160 -28.38 -2.19 12.94
N VAL A 161 -28.38 -2.51 14.24
CA VAL A 161 -27.66 -3.67 14.75
C VAL A 161 -28.58 -4.43 15.70
N LYS A 162 -28.22 -5.69 15.94
CA LYS A 162 -28.98 -6.58 16.79
C LYS A 162 -28.20 -6.85 18.08
N SER A 163 -28.79 -7.70 18.93
CA SER A 163 -28.24 -7.91 20.26
C SER A 163 -26.92 -8.66 20.23
N ASP A 164 -26.61 -9.31 19.11
CA ASP A 164 -25.33 -9.97 18.86
C ASP A 164 -24.36 -9.12 18.06
N CYS A 165 -24.60 -7.81 17.98
CA CYS A 165 -23.76 -6.88 17.19
C CYS A 165 -23.75 -7.26 15.72
N THR A 166 -24.82 -7.87 15.23
CA THR A 166 -24.99 -8.09 13.81
C THR A 166 -25.58 -6.83 13.19
N LEU A 167 -24.87 -6.28 12.20
CA LEU A 167 -25.21 -4.97 11.65
C LEU A 167 -25.84 -5.13 10.27
N LYS A 168 -26.86 -4.33 10.00
CA LYS A 168 -27.54 -4.33 8.71
C LYS A 168 -27.79 -2.90 8.28
N ILE A 169 -27.76 -2.67 6.98
CA ILE A 169 -27.90 -1.34 6.41
C ILE A 169 -29.34 -1.14 5.99
N LEU A 170 -29.92 -0.01 6.40
CA LEU A 170 -31.34 0.26 6.19
C LEU A 170 -31.62 0.87 4.83
N ASP A 171 -30.72 1.73 4.36
CA ASP A 171 -30.98 2.55 3.19
C ASP A 171 -30.07 2.15 2.04
N PHE A 172 -30.51 2.48 0.83
CA PHE A 172 -29.71 2.29 -0.37
C PHE A 172 -29.20 3.62 -0.90
N GLY A 173 -29.45 4.70 -0.15
CA GLY A 173 -28.96 6.01 -0.54
C GLY A 173 -29.57 6.48 -1.85
N LEU A 174 -28.73 7.05 -2.69
CA LEU A 174 -29.12 7.58 -3.99
C LEU A 174 -28.68 6.69 -5.14
N ALA A 175 -27.90 5.65 -4.85
CA ALA A 175 -27.45 4.67 -5.87
C ALA A 175 -26.56 5.37 -6.89
N ARG A 176 -25.88 6.44 -6.47
CA ARG A 176 -24.91 7.10 -7.37
C ARG A 176 -25.63 7.92 -8.43
N THR A 177 -26.81 8.46 -8.12
CA THR A 177 -27.50 9.31 -9.09
C THR A 177 -27.33 10.80 -8.82
N ALA A 178 -27.80 11.31 -7.67
CA ALA A 178 -27.75 12.74 -7.39
C ALA A 178 -26.46 13.09 -6.65
N GLY A 179 -25.94 14.29 -6.92
CA GLY A 179 -24.66 14.68 -6.37
C GLY A 179 -24.74 15.89 -5.46
N THR A 180 -25.92 16.49 -5.41
CA THR A 180 -26.20 17.59 -4.52
C THR A 180 -26.17 17.14 -3.07
N SER A 181 -25.68 18.01 -2.19
CA SER A 181 -25.57 17.69 -0.77
C SER A 181 -26.84 18.00 0.01
N PHE A 182 -27.62 18.99 -0.44
CA PHE A 182 -28.82 19.44 0.27
C PHE A 182 -30.01 19.37 -0.69
N MET A 183 -30.90 18.41 -0.47
CA MET A 183 -32.03 18.14 -1.35
C MET A 183 -33.36 18.34 -0.63
N MET A 184 -34.43 18.24 -1.39
CA MET A 184 -35.78 18.39 -0.86
C MET A 184 -36.21 17.15 -0.09
N TYR A 187 -35.62 13.97 3.48
CA TYR A 187 -34.28 13.56 3.10
C TYR A 187 -33.36 13.77 4.30
N VAL A 188 -32.06 13.85 4.05
CA VAL A 188 -31.05 13.65 5.08
C VAL A 188 -30.91 14.90 5.94
N VAL A 189 -30.92 14.70 7.26
CA VAL A 189 -30.76 15.77 8.24
C VAL A 189 -29.30 15.81 8.68
N THR A 190 -28.43 15.03 8.04
CA THR A 190 -27.01 14.94 8.44
C THR A 190 -26.06 15.38 7.34
N ARG A 191 -25.20 16.34 7.67
CA ARG A 191 -24.06 16.77 6.88
C ARG A 191 -22.73 16.20 7.40
N TYR A 192 -22.71 15.76 8.67
CA TYR A 192 -21.47 15.49 9.38
C TYR A 192 -20.61 14.39 8.75
N TYR A 193 -21.24 13.37 8.18
CA TYR A 193 -20.51 12.17 7.75
C TYR A 193 -20.19 12.19 6.27
N ARG A 194 -20.39 13.32 5.62
CA ARG A 194 -20.21 13.44 4.19
C ARG A 194 -18.79 13.85 3.82
N ALA A 195 -18.37 13.44 2.61
CA ALA A 195 -16.96 13.53 2.23
C ALA A 195 -16.57 14.97 1.89
N PRO A 196 -15.26 15.25 1.84
CA PRO A 196 -14.84 16.58 1.38
C PRO A 196 -15.14 16.84 -0.09
N GLU A 197 -15.07 15.81 -0.94
CA GLU A 197 -15.31 16.01 -2.36
C GLU A 197 -16.76 16.34 -2.65
N VAL A 198 -17.69 15.64 -2.00
CA VAL A 198 -19.12 15.90 -2.22
C VAL A 198 -19.48 17.31 -1.76
N ILE A 199 -18.93 17.75 -0.62
CA ILE A 199 -19.28 19.06 -0.08
C ILE A 199 -18.75 20.16 -1.00
N LEU A 200 -17.66 19.89 -1.72
CA LEU A 200 -17.08 20.84 -2.65
C LEU A 200 -17.52 20.57 -4.10
N GLY A 201 -18.40 19.60 -4.31
CA GLY A 201 -18.90 19.31 -5.65
C GLY A 201 -17.80 18.95 -6.62
N MET A 202 -16.79 18.22 -6.16
CA MET A 202 -15.63 17.84 -6.96
C MET A 202 -15.81 16.50 -7.65
N GLY A 203 -16.96 15.85 -7.48
CA GLY A 203 -17.16 14.50 -7.96
C GLY A 203 -16.78 13.46 -6.93
N TYR A 204 -17.31 12.26 -7.11
CA TYR A 204 -17.09 11.16 -6.19
C TYR A 204 -16.77 9.88 -6.96
N LYS A 205 -15.96 9.03 -6.32
CA LYS A 205 -15.72 7.69 -6.82
C LYS A 205 -16.15 6.69 -5.75
N GLU A 206 -15.65 5.46 -5.79
CA GLU A 206 -16.13 4.47 -4.84
C GLU A 206 -15.59 4.67 -3.42
N ASN A 207 -14.59 5.53 -3.23
CA ASN A 207 -14.00 5.77 -1.92
C ASN A 207 -14.72 6.85 -1.12
N VAL A 208 -15.74 7.49 -1.68
CA VAL A 208 -16.53 8.47 -0.93
C VAL A 208 -17.07 7.87 0.36
N ASP A 209 -17.68 6.68 0.27
CA ASP A 209 -18.29 6.06 1.45
C ASP A 209 -17.25 5.72 2.52
N ILE A 210 -15.99 5.56 2.13
CA ILE A 210 -14.93 5.28 3.11
C ILE A 210 -14.81 6.43 4.09
N TRP A 211 -15.05 7.66 3.64
CA TRP A 211 -14.97 8.81 4.52
C TRP A 211 -16.00 8.70 5.65
N SER A 212 -17.22 8.26 5.34
CA SER A 212 -18.29 8.30 6.32
C SER A 212 -18.15 7.18 7.35
N VAL A 213 -17.61 6.03 6.93
CA VAL A 213 -17.31 5.00 7.92
C VAL A 213 -16.15 5.45 8.80
N GLY A 214 -15.26 6.30 8.28
CA GLY A 214 -14.21 6.86 9.11
C GLY A 214 -14.74 7.80 10.17
N CYS A 215 -15.71 8.64 9.80
CA CYS A 215 -16.30 9.56 10.79
C CYS A 215 -17.15 8.81 11.80
N ILE A 216 -17.89 7.79 11.35
CA ILE A 216 -18.67 6.97 12.28
C ILE A 216 -17.74 6.24 13.23
N MET A 217 -16.64 5.68 12.72
CA MET A 217 -15.68 4.98 13.57
C MET A 217 -15.08 5.93 14.61
N GLY A 218 -14.72 7.15 14.19
CA GLY A 218 -14.21 8.12 15.13
C GLY A 218 -15.22 8.54 16.17
N GLU A 219 -16.52 8.49 15.83
CA GLU A 219 -17.55 8.88 16.77
C GLU A 219 -17.66 7.91 17.94
N MET A 220 -17.48 6.61 17.68
CA MET A 220 -17.52 5.62 18.74
C MET A 220 -16.49 5.92 19.82
N ILE A 221 -15.27 6.28 19.42
CA ILE A 221 -14.18 6.47 20.37
C ILE A 221 -14.45 7.66 21.27
N LYS A 222 -14.92 8.77 20.71
CA LYS A 222 -15.07 10.00 21.48
C LYS A 222 -16.41 10.12 22.19
N GLY A 223 -17.47 9.54 21.63
CA GLY A 223 -18.80 9.70 22.19
C GLY A 223 -19.56 10.90 21.64
N GLY A 224 -18.94 11.71 20.78
CA GLY A 224 -19.61 12.82 20.15
C GLY A 224 -19.32 12.85 18.66
N VAL A 225 -20.09 13.67 17.95
CA VAL A 225 -19.93 13.79 16.50
C VAL A 225 -18.55 14.34 16.18
N LEU A 226 -17.85 13.66 15.27
CA LEU A 226 -16.46 14.02 14.97
C LEU A 226 -16.37 15.41 14.35
N PHE A 227 -17.20 15.69 13.35
CA PHE A 227 -17.22 16.98 12.66
C PHE A 227 -18.62 17.58 12.79
N PRO A 228 -18.90 18.34 13.85
CA PRO A 228 -20.23 18.96 13.98
C PRO A 228 -20.33 20.30 13.27
N GLY A 229 -21.09 20.33 12.18
CA GLY A 229 -21.25 21.56 11.41
C GLY A 229 -22.64 22.15 11.46
N THR A 230 -22.72 23.41 11.90
CA THR A 230 -24.00 24.10 12.00
C THR A 230 -24.58 24.43 10.62
N ASP A 231 -23.74 24.64 9.62
CA ASP A 231 -24.19 24.99 8.27
C ASP A 231 -23.43 24.19 7.23
N HIS A 232 -23.74 24.46 5.96
CA HIS A 232 -23.10 23.79 4.84
C HIS A 232 -21.60 24.03 4.82
N ILE A 233 -21.18 25.26 5.15
CA ILE A 233 -19.78 25.64 5.03
C ILE A 233 -19.02 25.50 6.34
N ASP A 234 -19.72 25.47 7.49
CA ASP A 234 -19.06 25.13 8.74
C ASP A 234 -18.47 23.74 8.70
N GLN A 235 -19.13 22.81 7.99
CA GLN A 235 -18.61 21.46 7.81
C GLN A 235 -17.18 21.44 7.29
N TRP A 236 -16.92 22.16 6.20
CA TRP A 236 -15.57 22.18 5.65
C TRP A 236 -14.58 22.79 6.65
N ASN A 237 -14.98 23.88 7.30
CA ASN A 237 -14.11 24.51 8.29
C ASN A 237 -13.78 23.55 9.43
N LYS A 238 -14.76 22.75 9.87
CA LYS A 238 -14.51 21.83 10.98
C LYS A 238 -13.56 20.72 10.56
N VAL A 239 -13.67 20.25 9.31
CA VAL A 239 -12.76 19.23 8.81
C VAL A 239 -11.32 19.74 8.80
N ILE A 240 -11.11 20.93 8.28
CA ILE A 240 -9.75 21.45 8.17
C ILE A 240 -9.24 22.07 9.46
N GLU A 241 -10.14 22.35 10.42
CA GLU A 241 -9.69 22.80 11.74
C GLU A 241 -8.95 21.69 12.47
N GLN A 242 -9.39 20.44 12.32
CA GLN A 242 -8.75 19.32 12.99
C GLN A 242 -7.77 18.56 12.09
N LEU A 243 -8.12 18.33 10.83
CA LEU A 243 -7.28 17.54 9.94
C LEU A 243 -6.21 18.35 9.24
N GLY A 244 -6.36 19.67 9.14
CA GLY A 244 -5.37 20.49 8.50
C GLY A 244 -5.75 20.86 7.07
N THR A 245 -5.15 21.95 6.58
CA THR A 245 -5.46 22.43 5.25
C THR A 245 -4.82 21.53 4.18
N PRO A 246 -5.54 21.20 3.13
CA PRO A 246 -5.01 20.33 2.07
C PRO A 246 -3.84 20.94 1.31
N CYS A 247 -3.03 20.04 0.74
CA CYS A 247 -1.88 20.42 -0.06
C CYS A 247 -2.32 20.95 -1.43
N PRO A 248 -1.47 21.75 -2.08
CA PRO A 248 -1.91 22.44 -3.31
C PRO A 248 -2.41 21.53 -4.43
N GLU A 249 -1.90 20.30 -4.55
CA GLU A 249 -2.34 19.43 -5.64
C GLU A 249 -3.83 19.13 -5.55
N PHE A 250 -4.36 19.03 -4.33
CA PHE A 250 -5.79 18.82 -4.17
C PHE A 250 -6.59 20.03 -4.65
N MET A 251 -6.03 21.23 -4.46
CA MET A 251 -6.71 22.47 -4.82
C MET A 251 -6.89 22.65 -6.32
N LYS A 252 -6.07 21.99 -7.14
CA LYS A 252 -6.12 22.21 -8.58
C LYS A 252 -7.43 21.76 -9.19
N LYS A 253 -7.93 20.60 -8.77
CA LYS A 253 -9.14 20.03 -9.36
C LYS A 253 -10.42 20.70 -8.86
N LEU A 254 -10.35 21.50 -7.81
CA LEU A 254 -11.54 22.14 -7.27
C LEU A 254 -12.08 23.15 -8.26
N GLN A 255 -13.39 23.39 -8.21
CA GLN A 255 -13.99 24.37 -9.09
C GLN A 255 -13.51 25.77 -8.71
N PRO A 256 -13.20 26.62 -9.69
CA PRO A 256 -12.56 27.91 -9.37
C PRO A 256 -13.38 28.80 -8.47
N THR A 257 -14.70 28.79 -8.59
CA THR A 257 -15.53 29.68 -7.78
C THR A 257 -15.31 29.43 -6.29
N VAL A 258 -15.27 28.16 -5.88
CA VAL A 258 -15.01 27.84 -4.48
C VAL A 258 -13.57 27.41 -4.23
N ARG A 259 -12.78 27.21 -5.29
CA ARG A 259 -11.33 27.08 -5.10
C ARG A 259 -10.76 28.33 -4.45
N THR A 260 -11.10 29.49 -5.01
CA THR A 260 -10.71 30.76 -4.41
C THR A 260 -11.01 30.79 -2.93
N TYR A 261 -12.21 30.34 -2.55
CA TYR A 261 -12.66 30.47 -1.15
C TYR A 261 -11.82 29.62 -0.21
N VAL A 262 -11.46 28.40 -0.63
CA VAL A 262 -10.69 27.50 0.22
C VAL A 262 -9.32 28.10 0.53
N GLU A 263 -8.66 28.67 -0.48
CA GLU A 263 -7.34 29.26 -0.24
C GLU A 263 -7.45 30.53 0.60
N ASN A 264 -8.45 31.38 0.33
CA ASN A 264 -8.63 32.58 1.12
C ASN A 264 -9.04 32.27 2.55
N ARG A 265 -9.73 31.15 2.76
CA ARG A 265 -10.04 30.71 4.11
C ARG A 265 -8.73 30.46 4.86
N PRO A 266 -8.72 30.67 6.18
CA PRO A 266 -7.45 30.54 6.92
C PRO A 266 -6.88 29.13 6.82
N LYS A 267 -5.55 29.06 6.92
CA LYS A 267 -4.85 27.80 6.86
C LYS A 267 -4.64 27.28 8.27
N TYR A 268 -5.02 26.03 8.51
CA TYR A 268 -4.83 25.36 9.78
C TYR A 268 -3.86 24.22 9.60
N ALA A 269 -2.87 24.11 10.49
CA ALA A 269 -1.92 23.01 10.39
C ALA A 269 -2.61 21.68 10.64
N GLY A 270 -3.56 21.65 11.57
CA GLY A 270 -4.31 20.45 11.86
C GLY A 270 -3.74 19.68 13.04
N TYR A 271 -4.50 18.68 13.47
CA TYR A 271 -4.12 17.84 14.59
C TYR A 271 -3.87 16.42 14.11
N SER A 272 -2.91 15.75 14.74
CA SER A 272 -2.60 14.36 14.47
C SER A 272 -3.57 13.45 15.21
N PHE A 273 -3.72 12.23 14.70
CA PHE A 273 -4.70 11.30 15.24
C PHE A 273 -4.39 10.89 16.68
N GLU A 274 -3.13 10.97 17.10
CA GLU A 274 -2.80 10.65 18.49
C GLU A 274 -3.47 11.63 19.46
N LYS A 275 -3.48 12.92 19.11
CA LYS A 275 -4.15 13.90 19.94
C LYS A 275 -5.61 14.09 19.54
N LEU A 276 -5.94 13.77 18.30
CA LEU A 276 -7.35 13.68 17.92
C LEU A 276 -8.02 12.52 18.63
N PHE A 277 -7.36 11.34 18.64
CA PHE A 277 -7.87 10.14 19.27
C PHE A 277 -6.88 9.65 20.33
N PRO A 278 -6.93 10.20 21.53
CA PRO A 278 -5.96 9.83 22.56
C PRO A 278 -6.23 8.44 23.13
N ASP A 279 -5.22 7.91 23.83
CA ASP A 279 -5.36 6.57 24.41
C ASP A 279 -6.35 6.54 25.55
N VAL A 280 -6.71 7.69 26.12
CA VAL A 280 -7.66 7.72 27.21
C VAL A 280 -9.04 7.29 26.74
N LEU A 281 -9.46 7.75 25.56
CA LEU A 281 -10.77 7.36 25.04
C LEU A 281 -10.79 5.90 24.60
N PHE A 282 -9.65 5.35 24.19
CA PHE A 282 -9.55 3.94 23.90
C PHE A 282 -9.51 3.12 25.19
N PRO A 283 -9.82 1.82 25.12
CA PRO A 283 -9.46 0.94 26.23
C PRO A 283 -7.94 0.82 26.26
N ALA A 284 -7.35 0.96 27.44
CA ALA A 284 -5.91 1.09 27.56
C ALA A 284 -5.40 0.19 28.69
N ASP A 285 -4.19 0.51 29.17
CA ASP A 285 -3.48 -0.14 30.27
C ASP A 285 -2.89 -1.51 29.90
N SER A 286 -3.22 -2.00 28.70
CA SER A 286 -2.69 -3.30 28.22
C SER A 286 -1.87 -3.10 26.95
N GLU A 287 -0.95 -4.01 26.66
CA GLU A 287 -0.23 -3.91 25.39
C GLU A 287 -1.10 -4.32 24.23
N HIS A 288 -2.03 -5.25 24.46
CA HIS A 288 -3.04 -5.56 23.47
C HIS A 288 -3.93 -4.35 23.24
N ASN A 289 -4.36 -3.70 24.32
CA ASN A 289 -5.16 -2.49 24.20
C ASN A 289 -4.38 -1.37 23.52
N LYS A 290 -3.12 -1.17 23.92
CA LYS A 290 -2.30 -0.12 23.32
C LYS A 290 -2.03 -0.42 21.85
N LEU A 291 -1.76 -1.68 21.52
CA LEU A 291 -1.53 -2.03 20.12
C LEU A 291 -2.82 -1.93 19.32
N LYS A 292 -3.95 -2.29 19.93
CA LYS A 292 -5.23 -2.11 19.25
C LYS A 292 -5.62 -0.64 19.14
N ALA A 293 -5.17 0.18 20.08
CA ALA A 293 -5.36 1.63 19.95
C ALA A 293 -4.53 2.19 18.81
N SER A 294 -3.28 1.74 18.69
CA SER A 294 -2.46 2.10 17.54
C SER A 294 -3.14 1.73 16.22
N GLN A 295 -3.54 0.47 16.08
CA GLN A 295 -4.12 -0.01 14.83
C GLN A 295 -5.39 0.75 14.46
N ALA A 296 -6.20 1.08 15.47
CA ALA A 296 -7.44 1.83 15.21
C ALA A 296 -7.11 3.21 14.67
N ARG A 297 -6.15 3.91 15.30
CA ARG A 297 -5.76 5.23 14.83
C ARG A 297 -5.13 5.17 13.45
N ASP A 298 -4.33 4.13 13.19
CA ASP A 298 -3.68 3.99 11.89
C ASP A 298 -4.71 3.80 10.79
N LEU A 299 -5.77 3.04 11.05
CA LEU A 299 -6.80 2.85 10.06
C LEU A 299 -7.64 4.11 9.88
N LEU A 300 -7.81 4.88 10.96
CA LEU A 300 -8.52 6.16 10.85
C LEU A 300 -7.75 7.15 9.98
N SER A 301 -6.41 7.16 10.10
CA SER A 301 -5.59 8.01 9.24
C SER A 301 -5.79 7.67 7.78
N LYS A 302 -5.76 6.38 7.44
CA LYS A 302 -5.88 5.98 6.05
C LYS A 302 -7.26 6.27 5.47
N MET A 303 -8.30 6.25 6.30
CA MET A 303 -9.65 6.49 5.82
C MET A 303 -10.07 7.96 5.95
N LEU A 304 -9.57 8.68 6.94
CA LEU A 304 -9.90 10.10 7.07
C LEU A 304 -8.85 10.93 6.34
N VAL A 305 -8.89 10.84 5.02
CA VAL A 305 -8.02 11.61 4.15
C VAL A 305 -8.89 12.58 3.37
N ILE A 306 -8.46 13.83 3.28
CA ILE A 306 -9.20 14.80 2.47
C ILE A 306 -9.09 14.46 1.00
N ASP A 307 -7.88 14.15 0.53
CA ASP A 307 -7.66 13.84 -0.87
C ASP A 307 -8.18 12.44 -1.16
N ALA A 308 -9.11 12.34 -2.11
CA ALA A 308 -9.72 11.05 -2.42
C ALA A 308 -8.72 10.04 -2.94
N SER A 309 -7.63 10.51 -3.55
CA SER A 309 -6.73 9.60 -4.24
C SER A 309 -5.90 8.76 -3.28
N LYS A 310 -5.56 9.29 -2.10
CA LYS A 310 -4.91 8.49 -1.07
C LYS A 310 -5.90 7.83 -0.12
N ARG A 311 -7.20 7.92 -0.38
CA ARG A 311 -8.14 7.23 0.50
C ARG A 311 -7.97 5.72 0.36
N ILE A 312 -8.01 5.04 1.51
CA ILE A 312 -7.89 3.59 1.50
C ILE A 312 -9.14 3.01 0.82
N SER A 313 -8.93 1.98 0.01
CA SER A 313 -10.05 1.30 -0.60
C SER A 313 -10.78 0.45 0.43
N VAL A 314 -12.00 0.06 0.10
CA VAL A 314 -12.76 -0.85 0.97
C VAL A 314 -12.10 -2.22 0.99
N ASP A 315 -11.55 -2.65 -0.15
CA ASP A 315 -10.86 -3.94 -0.20
C ASP A 315 -9.62 -3.92 0.68
N GLU A 316 -8.81 -2.87 0.58
CA GLU A 316 -7.66 -2.74 1.48
C GLU A 316 -8.09 -2.53 2.92
N ALA A 317 -9.21 -1.82 3.14
CA ALA A 317 -9.69 -1.62 4.50
C ALA A 317 -10.10 -2.94 5.14
N LEU A 318 -10.67 -3.86 4.36
CA LEU A 318 -11.03 -5.17 4.88
C LEU A 318 -9.79 -5.98 5.27
N GLN A 319 -8.68 -5.78 4.57
CA GLN A 319 -7.45 -6.50 4.86
C GLN A 319 -6.55 -5.77 5.85
N HIS A 320 -7.07 -4.73 6.50
CA HIS A 320 -6.32 -4.08 7.56
C HIS A 320 -6.31 -4.96 8.80
N PRO A 321 -5.20 -5.00 9.54
CA PRO A 321 -5.12 -5.88 10.72
C PRO A 321 -6.24 -5.70 11.72
N TYR A 322 -6.75 -4.46 11.88
CA TYR A 322 -7.85 -4.23 12.81
C TYR A 322 -9.13 -4.93 12.36
N ILE A 323 -9.31 -5.12 11.06
CA ILE A 323 -10.56 -5.63 10.51
C ILE A 323 -10.43 -7.07 9.99
N ASN A 324 -9.24 -7.48 9.54
CA ASN A 324 -9.09 -8.79 8.91
C ASN A 324 -9.30 -9.96 9.87
N VAL A 325 -9.41 -9.71 11.17
CA VAL A 325 -9.63 -10.80 12.12
C VAL A 325 -10.98 -11.49 11.90
N TRP A 326 -11.95 -10.77 11.34
CA TRP A 326 -13.28 -11.33 11.09
C TRP A 326 -13.46 -11.81 9.65
N TYR A 327 -12.37 -11.94 8.89
CA TYR A 327 -12.47 -12.24 7.46
C TYR A 327 -12.99 -13.64 7.19
N ASP A 328 -14.14 -13.73 6.50
CA ASP A 328 -14.59 -14.98 5.90
C ASP A 328 -15.35 -14.61 4.62
N PRO A 329 -15.06 -15.29 3.50
CA PRO A 329 -15.53 -14.81 2.19
C PRO A 329 -17.04 -14.69 2.02
N SER A 330 -17.85 -15.42 2.80
CA SER A 330 -19.28 -15.45 2.47
C SER A 330 -20.02 -14.17 2.86
N GLU A 331 -19.65 -13.50 3.96
CA GLU A 331 -20.21 -12.15 4.02
C GLU A 331 -19.48 -11.16 3.14
N ALA A 332 -18.21 -11.39 2.83
CA ALA A 332 -17.47 -10.40 2.06
C ALA A 332 -17.55 -10.73 0.59
N GLU A 333 -16.92 -11.84 0.18
CA GLU A 333 -16.84 -12.24 -1.23
C GLU A 333 -18.12 -12.97 -1.67
N ALA A 334 -19.22 -12.23 -1.64
CA ALA A 334 -20.51 -12.77 -2.00
C ALA A 334 -20.70 -12.72 -3.52
N PRO A 335 -21.68 -13.46 -4.04
CA PRO A 335 -21.98 -13.36 -5.48
C PRO A 335 -22.63 -12.03 -5.78
N PRO A 336 -22.21 -11.36 -6.85
CA PRO A 336 -22.74 -10.02 -7.14
C PRO A 336 -24.22 -10.09 -7.50
N PRO A 337 -25.04 -9.24 -6.88
CA PRO A 337 -26.46 -9.22 -7.24
C PRO A 337 -26.70 -8.57 -8.60
N LYS A 338 -27.61 -9.18 -9.36
CA LYS A 338 -27.94 -8.78 -10.72
C LYS A 338 -29.37 -8.22 -10.79
N ILE A 339 -29.52 -6.99 -11.28
CA ILE A 339 -30.87 -6.42 -11.33
C ILE A 339 -31.36 -6.17 -12.76
N PRO A 340 -31.42 -7.18 -13.68
CA PRO A 340 -31.96 -6.83 -15.02
C PRO A 340 -33.48 -6.59 -14.96
N GLN A 343 -35.90 -4.55 -15.99
CA GLN A 343 -36.62 -3.44 -15.35
C GLN A 343 -35.67 -2.32 -14.95
N LEU A 344 -34.37 -2.57 -15.08
CA LEU A 344 -33.39 -1.58 -14.66
C LEU A 344 -33.39 -0.42 -15.65
N ASP A 345 -33.12 0.79 -15.15
CA ASP A 345 -33.25 1.95 -16.00
C ASP A 345 -32.60 3.16 -15.33
N GLU A 346 -32.02 4.02 -16.15
CA GLU A 346 -31.39 5.26 -15.73
C GLU A 346 -32.31 6.44 -15.94
N ARG A 347 -33.53 6.20 -16.41
CA ARG A 347 -34.45 7.22 -16.89
C ARG A 347 -35.54 7.50 -15.86
N GLU A 348 -36.15 8.67 -16.03
CA GLU A 348 -37.26 9.14 -15.21
C GLU A 348 -38.51 9.13 -16.08
N HIS A 349 -39.65 8.86 -15.46
CA HIS A 349 -40.86 8.58 -16.23
C HIS A 349 -42.04 9.37 -15.66
N THR A 350 -43.19 9.17 -16.33
CA THR A 350 -44.42 9.86 -15.96
C THR A 350 -44.86 9.47 -14.56
N ILE A 351 -45.53 10.42 -13.88
CA ILE A 351 -46.11 10.12 -12.58
C ILE A 351 -47.09 8.96 -12.68
N GLU A 352 -47.95 8.97 -13.70
CA GLU A 352 -48.88 7.87 -13.92
C GLU A 352 -48.12 6.58 -14.22
N GLU A 353 -47.01 6.68 -14.95
CA GLU A 353 -46.18 5.51 -15.19
C GLU A 353 -45.54 5.01 -13.90
N TRP A 354 -45.18 5.93 -13.00
CA TRP A 354 -44.58 5.53 -11.73
C TRP A 354 -45.52 4.63 -10.94
N LYS A 355 -46.78 5.05 -10.78
CA LYS A 355 -47.73 4.21 -10.05
C LYS A 355 -47.93 2.89 -10.76
N GLU A 356 -48.09 2.93 -12.09
CA GLU A 356 -48.20 1.70 -12.86
C GLU A 356 -46.94 0.86 -12.77
N LEU A 357 -45.77 1.50 -12.71
CA LEU A 357 -44.52 0.75 -12.62
C LEU A 357 -44.39 0.05 -11.27
N ILE A 358 -44.68 0.75 -10.18
CA ILE A 358 -44.57 0.12 -8.86
C ILE A 358 -45.74 -0.83 -8.61
N TYR A 359 -46.89 -0.55 -9.22
CA TYR A 359 -48.04 -1.43 -9.05
C TYR A 359 -47.73 -2.84 -9.54
N LYS A 360 -46.94 -2.96 -10.60
CA LYS A 360 -46.57 -4.27 -11.11
C LYS A 360 -45.94 -5.14 -10.03
N GLU A 361 -44.91 -4.62 -9.34
CA GLU A 361 -44.22 -5.44 -8.36
C GLU A 361 -45.09 -5.76 -7.16
N VAL A 362 -45.86 -4.78 -6.67
CA VAL A 362 -46.66 -5.01 -5.47
C VAL A 362 -47.86 -5.90 -5.76
N MET A 363 -48.38 -5.87 -6.98
CA MET A 363 -49.55 -6.69 -7.34
C MET A 363 -49.17 -7.99 -8.04
N ASP A 364 -47.93 -8.12 -8.50
CA ASP A 364 -47.44 -9.40 -8.98
C ASP A 364 -46.91 -10.24 -7.83
N LEU A 365 -47.19 -9.80 -6.60
CA LEU A 365 -46.87 -10.48 -5.36
C LEU A 365 -47.16 -11.98 -5.42
N ASN B 10 4.52 17.23 49.60
CA ASN B 10 3.85 16.32 50.53
C ASN B 10 4.30 14.88 50.33
N ASN B 11 4.38 14.44 49.08
CA ASN B 11 4.81 13.09 48.73
C ASN B 11 6.17 13.11 48.05
N PHE B 12 6.88 14.22 48.12
CA PHE B 12 8.21 14.40 47.54
C PHE B 12 9.19 14.69 48.68
N TYR B 13 10.48 14.55 48.40
CA TYR B 13 11.46 14.87 49.41
C TYR B 13 12.64 15.62 48.80
N SER B 14 13.42 16.22 49.67
CA SER B 14 14.42 17.21 49.34
C SER B 14 15.82 16.64 49.51
N VAL B 15 16.73 17.12 48.67
CA VAL B 15 18.14 16.95 48.95
C VAL B 15 18.90 18.13 48.38
N GLU B 16 19.69 18.80 49.23
CA GLU B 16 20.54 19.91 48.78
C GLU B 16 21.86 19.31 48.34
N ILE B 17 21.98 19.09 47.03
CA ILE B 17 23.18 18.52 46.42
C ILE B 17 24.12 19.68 46.16
N GLY B 18 25.38 19.38 45.86
CA GLY B 18 26.33 20.43 45.56
C GLY B 18 25.79 21.39 44.51
N ASP B 19 25.60 22.65 44.90
CA ASP B 19 25.20 23.77 44.04
C ASP B 19 23.75 23.74 43.58
N SER B 20 22.95 22.82 44.13
CA SER B 20 21.52 22.75 43.74
C SER B 20 20.74 21.88 44.72
N THR B 21 19.45 22.16 44.87
CA THR B 21 18.58 21.34 45.75
C THR B 21 17.70 20.47 44.86
N PHE B 22 17.82 19.17 45.00
CA PHE B 22 17.07 18.24 44.15
C PHE B 22 15.87 17.74 44.93
N THR B 23 14.69 17.79 44.29
CA THR B 23 13.47 17.35 44.94
C THR B 23 12.79 16.33 44.03
N VAL B 24 12.53 15.14 44.57
CA VAL B 24 12.03 14.02 43.79
C VAL B 24 10.93 13.31 44.56
N LEU B 25 10.26 12.39 43.88
CA LEU B 25 9.43 11.43 44.57
C LEU B 25 10.36 10.46 45.30
N LYS B 26 9.90 9.92 46.43
CA LYS B 26 10.81 9.16 47.27
C LYS B 26 11.23 7.82 46.66
N ARG B 27 10.57 7.36 45.59
CA ARG B 27 10.98 6.12 44.94
C ARG B 27 12.49 6.12 44.64
N TYR B 28 13.00 7.24 44.14
CA TYR B 28 14.42 7.39 43.87
C TYR B 28 15.10 7.96 45.11
N GLN B 29 16.19 7.31 45.54
CA GLN B 29 16.89 7.73 46.73
C GLN B 29 18.38 7.46 46.59
N ASN B 30 19.14 7.90 47.58
CA ASN B 30 20.60 7.84 47.59
C ASN B 30 21.18 8.39 46.29
N LEU B 31 20.77 9.61 45.95
CA LEU B 31 21.23 10.26 44.73
C LEU B 31 22.72 10.52 44.79
N LYS B 32 23.43 10.19 43.70
CA LYS B 32 24.87 10.38 43.59
C LYS B 32 25.19 11.07 42.27
N PRO B 33 25.91 12.19 42.29
CA PRO B 33 26.20 12.91 41.05
C PRO B 33 27.21 12.17 40.20
N ILE B 34 26.72 11.53 39.15
CA ILE B 34 27.55 10.70 38.29
C ILE B 34 28.18 11.53 37.17
N GLY B 35 27.38 12.33 36.48
CA GLY B 35 27.88 13.09 35.36
C GLY B 35 28.69 14.29 35.80
N SER B 36 29.53 14.79 34.89
CA SER B 36 30.36 15.99 35.21
C SER B 36 29.49 17.25 35.14
N GLY B 37 28.39 17.19 34.40
CA GLY B 37 27.51 18.34 34.30
C GLY B 37 27.37 18.94 32.91
N ALA B 38 28.15 18.50 31.93
CA ALA B 38 27.97 19.02 30.57
C ALA B 38 26.62 18.58 30.02
N GLN B 39 26.01 19.46 29.24
CA GLN B 39 24.67 19.25 28.66
C GLN B 39 23.70 18.81 29.75
N GLY B 40 23.46 19.73 30.68
CA GLY B 40 22.59 19.43 31.80
C GLY B 40 23.28 18.68 32.92
N ILE B 41 23.16 19.18 34.15
CA ILE B 41 23.71 18.50 35.32
C ILE B 41 22.85 17.29 35.64
N VAL B 42 23.48 16.15 35.92
CA VAL B 42 22.77 14.91 36.14
C VAL B 42 23.37 14.13 37.31
N CYS B 43 22.51 13.35 37.97
CA CYS B 43 22.90 12.50 39.08
C CYS B 43 22.18 11.17 38.94
N ALA B 44 22.74 10.13 39.56
CA ALA B 44 22.16 8.80 39.53
C ALA B 44 21.43 8.51 40.84
N ALA B 45 20.33 7.79 40.74
CA ALA B 45 19.53 7.43 41.90
C ALA B 45 19.10 5.99 41.77
N TYR B 46 18.54 5.45 42.86
CA TYR B 46 18.06 4.09 42.91
C TYR B 46 16.55 4.11 43.02
N ASP B 47 15.87 3.53 42.03
CA ASP B 47 14.41 3.49 42.00
C ASP B 47 13.95 2.24 42.75
N ALA B 48 13.18 2.46 43.82
CA ALA B 48 12.78 1.33 44.67
C ALA B 48 11.74 0.46 43.99
N ILE B 49 10.77 1.08 43.30
CA ILE B 49 9.62 0.34 42.78
C ILE B 49 10.08 -0.69 41.75
N LEU B 50 10.94 -0.30 40.83
CA LEU B 50 11.45 -1.21 39.82
C LEU B 50 12.82 -1.77 40.18
N GLU B 51 13.34 -1.45 41.36
CA GLU B 51 14.58 -2.05 41.89
C GLU B 51 15.72 -1.89 40.90
N ARG B 52 15.93 -0.66 40.43
CA ARG B 52 16.95 -0.40 39.42
C ARG B 52 17.61 0.94 39.68
N ASN B 53 18.88 1.04 39.29
CA ASN B 53 19.56 2.32 39.29
C ASN B 53 19.03 3.16 38.14
N VAL B 54 18.81 4.44 38.46
CA VAL B 54 18.19 5.35 37.46
C VAL B 54 18.97 6.66 37.38
N ALA B 55 18.97 7.27 36.20
CA ALA B 55 19.55 8.59 35.98
C ALA B 55 18.45 9.63 35.98
N ILE B 56 18.68 10.73 36.70
CA ILE B 56 17.68 11.78 36.88
C ILE B 56 18.29 13.10 36.44
N LYS B 57 17.56 13.84 35.60
CA LYS B 57 18.02 15.13 35.08
C LYS B 57 17.01 16.19 35.47
N LYS B 58 17.48 17.26 36.12
CA LYS B 58 16.64 18.39 36.47
C LYS B 58 16.92 19.53 35.50
N LEU B 59 15.86 20.09 34.94
CA LEU B 59 15.96 21.27 34.09
C LEU B 59 15.96 22.53 34.94
N SER B 60 16.90 23.44 34.66
CA SER B 60 17.02 24.66 35.46
C SER B 60 15.73 25.46 35.45
N ARG B 61 15.17 25.67 34.26
CA ARG B 61 13.91 26.39 34.06
C ARG B 61 13.49 26.22 32.62
N PRO B 62 12.60 25.26 32.31
CA PRO B 62 12.25 25.02 30.90
C PRO B 62 11.68 26.24 30.22
N PHE B 63 11.07 27.16 30.96
CA PHE B 63 10.46 28.35 30.39
C PHE B 63 11.32 29.59 30.64
N GLN B 64 12.63 29.40 30.83
CA GLN B 64 13.52 30.53 31.05
C GLN B 64 13.55 31.46 29.85
N ASN B 65 13.61 30.89 28.65
CA ASN B 65 13.62 31.65 27.41
C ASN B 65 13.14 30.75 26.29
N GLN B 66 13.02 31.33 25.08
CA GLN B 66 12.55 30.54 23.95
C GLN B 66 13.58 29.51 23.53
N THR B 67 14.86 29.82 23.70
CA THR B 67 15.91 28.88 23.34
C THR B 67 15.83 27.62 24.20
N HIS B 68 15.47 27.78 25.48
CA HIS B 68 15.34 26.62 26.36
C HIS B 68 14.08 25.83 26.07
N ALA B 69 12.92 26.51 26.06
CA ALA B 69 11.63 25.81 26.01
C ALA B 69 11.49 24.93 24.78
N LYS B 70 11.89 25.44 23.62
CA LYS B 70 11.78 24.65 22.39
C LYS B 70 12.58 23.36 22.48
N ARG B 71 13.81 23.46 22.98
CA ARG B 71 14.67 22.26 23.05
C ARG B 71 14.11 21.33 24.13
N ALA B 72 13.72 21.90 25.26
CA ALA B 72 13.19 21.08 26.33
C ALA B 72 11.88 20.40 25.94
N TYR B 73 10.97 21.16 25.29
CA TYR B 73 9.70 20.58 24.88
C TYR B 73 9.87 19.46 23.86
N ARG B 74 10.72 19.68 22.86
CA ARG B 74 10.84 18.66 21.79
C ARG B 74 11.36 17.36 22.37
N GLU B 75 12.39 17.41 23.21
CA GLU B 75 12.96 16.16 23.69
C GLU B 75 11.98 15.40 24.56
N LEU B 76 11.12 16.12 25.29
CA LEU B 76 10.08 15.48 26.09
C LEU B 76 9.15 14.68 25.20
N VAL B 77 8.62 15.32 24.15
CA VAL B 77 7.68 14.66 23.26
C VAL B 77 8.38 13.53 22.50
N LEU B 78 9.62 13.77 22.07
CA LEU B 78 10.30 12.81 21.21
C LEU B 78 10.78 11.56 21.96
N MET B 79 11.24 11.71 23.20
CA MET B 79 11.62 10.53 23.96
C MET B 79 10.40 9.79 24.50
N LYS B 80 9.29 10.52 24.67
CA LYS B 80 8.03 9.88 25.05
C LYS B 80 7.44 9.05 23.92
N CYS B 81 7.79 9.32 22.67
CA CYS B 81 7.14 8.68 21.54
C CYS B 81 8.04 7.75 20.74
N VAL B 82 9.22 7.40 21.24
CA VAL B 82 10.12 6.48 20.56
C VAL B 82 10.62 5.40 21.54
N ASN B 83 10.67 4.16 21.07
CA ASN B 83 10.98 2.99 21.88
C ASN B 83 12.01 2.20 21.07
N HIS B 84 13.28 2.34 21.41
CA HIS B 84 14.34 1.70 20.64
C HIS B 84 15.47 1.30 21.56
N LYS B 85 16.14 0.21 21.17
CA LYS B 85 17.28 -0.29 21.95
C LYS B 85 18.45 0.68 21.89
N ASN B 86 18.65 1.35 20.77
CA ASN B 86 19.81 2.19 20.57
C ASN B 86 19.55 3.66 20.82
N ILE B 87 18.32 4.03 21.18
CA ILE B 87 17.99 5.39 21.58
C ILE B 87 17.51 5.33 23.02
N ILE B 88 18.01 6.26 23.85
CA ILE B 88 17.63 6.26 25.26
C ILE B 88 16.11 6.48 25.38
N GLY B 89 15.54 5.95 26.46
CA GLY B 89 14.09 6.02 26.63
C GLY B 89 13.69 6.69 27.93
N LEU B 90 12.41 7.01 28.02
CA LEU B 90 11.87 7.69 29.23
C LEU B 90 11.17 6.67 30.09
N LEU B 91 11.43 6.70 31.39
CA LEU B 91 10.75 5.79 32.31
C LEU B 91 9.67 6.59 33.02
N ASN B 92 10.01 7.77 33.52
CA ASN B 92 9.03 8.56 34.29
C ASN B 92 9.37 10.05 34.20
N VAL B 93 8.36 10.92 34.27
CA VAL B 93 8.60 12.36 34.28
C VAL B 93 7.75 13.03 35.36
N PHE B 94 8.31 14.04 36.03
CA PHE B 94 7.56 14.67 37.12
C PHE B 94 8.13 16.05 37.43
N THR B 95 7.30 16.86 38.09
CA THR B 95 7.68 18.16 38.61
C THR B 95 7.09 18.28 40.00
N PRO B 96 7.83 18.89 40.93
CA PRO B 96 7.33 18.96 42.32
C PRO B 96 6.13 19.86 42.48
N GLN B 97 6.15 21.04 41.84
CA GLN B 97 5.01 21.94 41.92
C GLN B 97 3.80 21.32 41.22
N LYS B 98 2.65 21.38 41.88
CA LYS B 98 1.43 20.77 41.39
C LYS B 98 0.51 21.76 40.68
N SER B 99 0.85 23.05 40.67
CA SER B 99 0.05 24.06 40.00
C SER B 99 0.82 24.63 38.82
N LEU B 100 0.07 24.99 37.77
CA LEU B 100 0.68 25.59 36.58
C LEU B 100 1.28 26.95 36.90
N GLU B 101 0.62 27.73 37.76
CA GLU B 101 1.10 29.05 38.13
C GLU B 101 2.48 29.00 38.76
N GLU B 102 2.72 28.02 39.63
CA GLU B 102 3.98 27.89 40.34
C GLU B 102 4.90 26.82 39.75
N PHE B 103 4.52 26.27 38.60
CA PHE B 103 5.34 25.27 37.92
C PHE B 103 6.67 25.88 37.49
N GLN B 104 7.78 25.24 37.88
CA GLN B 104 9.08 25.84 37.58
C GLN B 104 10.10 24.90 36.96
N ASP B 105 10.21 23.67 37.44
CA ASP B 105 11.23 22.73 36.95
C ASP B 105 10.58 21.39 36.63
N VAL B 106 11.34 20.54 35.93
CA VAL B 106 10.90 19.20 35.56
C VAL B 106 12.08 18.25 35.70
N TYR B 107 11.78 17.01 36.08
CA TYR B 107 12.75 15.95 36.25
C TYR B 107 12.46 14.85 35.24
N ILE B 108 13.51 14.21 34.76
CA ILE B 108 13.38 13.16 33.75
C ILE B 108 14.18 11.97 34.25
N VAL B 109 13.53 10.80 34.22
CA VAL B 109 14.19 9.55 34.62
C VAL B 109 14.34 8.68 33.38
N MET B 110 15.41 7.92 33.31
CA MET B 110 15.67 7.09 32.11
C MET B 110 16.61 5.96 32.51
N GLU B 111 16.80 4.99 31.64
CA GLU B 111 17.63 3.84 32.03
C GLU B 111 19.06 4.32 32.27
N LEU B 112 19.63 3.88 33.39
CA LEU B 112 20.99 4.29 33.69
C LEU B 112 21.96 3.47 32.87
N MET B 113 23.03 4.13 32.42
CA MET B 113 24.11 3.47 31.72
C MET B 113 25.38 3.84 32.46
N ASP B 114 26.35 2.95 32.38
CA ASP B 114 27.52 3.08 33.25
C ASP B 114 28.47 4.18 32.79
N ALA B 115 28.65 4.31 31.49
CA ALA B 115 29.63 5.31 31.02
C ALA B 115 29.24 5.83 29.64
N ASN B 116 29.91 6.89 29.22
CA ASN B 116 29.61 7.47 27.88
C ASN B 116 30.58 6.85 26.86
N LEU B 117 30.40 7.14 25.58
CA LEU B 117 31.30 6.57 24.54
C LEU B 117 32.68 7.21 24.68
N CYS B 118 32.73 8.49 25.05
CA CYS B 118 34.05 9.17 25.13
C CYS B 118 34.98 8.37 26.05
N GLN B 119 34.49 7.91 27.19
CA GLN B 119 35.31 7.08 28.12
C GLN B 119 35.66 5.76 27.46
N VAL B 120 34.70 5.18 26.75
CA VAL B 120 34.92 3.85 26.10
C VAL B 120 36.01 3.97 25.04
N ILE B 121 36.06 5.08 24.31
CA ILE B 121 37.09 5.26 23.23
C ILE B 121 38.51 5.30 23.82
N GLN B 122 38.65 5.72 25.08
CA GLN B 122 39.96 5.73 25.74
C GLN B 122 40.51 4.30 25.78
N MET B 123 39.66 3.30 26.00
CA MET B 123 40.17 1.92 26.03
C MET B 123 40.28 1.35 24.62
N GLU B 124 41.43 0.78 24.27
CA GLU B 124 41.56 0.12 22.98
C GLU B 124 40.60 -1.07 22.93
N LEU B 125 39.89 -1.20 21.81
CA LEU B 125 38.88 -2.23 21.68
C LEU B 125 39.32 -3.25 20.63
N ASP B 126 38.37 -4.06 20.16
CA ASP B 126 38.62 -5.05 19.13
C ASP B 126 37.55 -4.92 18.06
N HIS B 127 37.77 -5.57 16.93
CA HIS B 127 36.84 -5.45 15.82
C HIS B 127 35.45 -5.94 16.21
N GLU B 128 35.36 -7.08 16.89
CA GLU B 128 34.06 -7.58 17.31
C GLU B 128 33.37 -6.57 18.22
N ARG B 129 34.11 -5.95 19.13
CA ARG B 129 33.52 -4.95 20.01
C ARG B 129 33.26 -3.64 19.27
N MET B 130 34.21 -3.21 18.44
CA MET B 130 34.03 -1.97 17.68
C MET B 130 32.90 -2.09 16.67
N SER B 131 32.81 -3.22 15.95
CA SER B 131 31.75 -3.39 14.97
C SER B 131 30.37 -3.22 15.60
N TYR B 132 30.16 -3.82 16.78
CA TYR B 132 28.86 -3.79 17.42
C TYR B 132 28.45 -2.38 17.82
N LEU B 133 29.39 -1.58 18.34
CA LEU B 133 29.07 -0.22 18.79
C LEU B 133 28.55 0.63 17.64
N LEU B 134 29.25 0.61 16.50
CA LEU B 134 28.84 1.43 15.36
C LEU B 134 27.56 0.89 14.73
N TYR B 135 27.36 -0.43 14.76
CA TYR B 135 26.10 -0.99 14.31
C TYR B 135 24.93 -0.40 15.10
N GLN B 136 25.11 -0.27 16.42
CA GLN B 136 24.05 0.27 17.26
C GLN B 136 23.75 1.72 16.88
N MET B 137 24.80 2.49 16.58
CA MET B 137 24.57 3.88 16.17
C MET B 137 23.77 3.95 14.88
N LEU B 138 24.08 3.08 13.91
CA LEU B 138 23.48 3.21 12.58
C LEU B 138 21.96 3.02 12.61
N CYS B 139 21.49 2.00 13.33
CA CYS B 139 20.05 1.76 13.44
C CYS B 139 19.39 2.69 14.43
N GLY B 140 20.17 3.25 15.35
CA GLY B 140 19.64 4.32 16.16
C GLY B 140 19.34 5.55 15.32
N ILE B 141 20.26 5.91 14.42
CA ILE B 141 20.02 7.02 13.52
C ILE B 141 19.01 6.62 12.44
N LYS B 142 19.06 5.35 12.00
CA LYS B 142 18.09 4.89 11.01
C LYS B 142 16.68 4.96 11.57
N HIS B 143 16.52 4.63 12.84
CA HIS B 143 15.22 4.81 13.49
C HIS B 143 14.87 6.28 13.60
N LEU B 144 15.86 7.15 13.79
CA LEU B 144 15.58 8.58 13.83
C LEU B 144 15.23 9.10 12.45
N HIS B 145 15.99 8.70 11.43
CA HIS B 145 15.70 9.13 10.06
C HIS B 145 14.33 8.65 9.59
N SER B 146 13.87 7.51 10.12
CA SER B 146 12.56 7.00 9.72
C SER B 146 11.44 7.98 10.05
N ALA B 147 11.56 8.70 11.16
CA ALA B 147 10.61 9.76 11.49
C ALA B 147 10.85 11.06 10.75
N GLY B 148 11.97 11.18 10.03
CA GLY B 148 12.32 12.45 9.44
C GLY B 148 13.21 13.25 10.36
N ILE B 149 14.05 12.58 11.15
CA ILE B 149 14.85 13.22 12.19
C ILE B 149 16.32 13.04 11.85
N ILE B 150 17.01 14.15 11.61
CA ILE B 150 18.43 14.20 11.33
C ILE B 150 19.15 14.81 12.53
N HIS B 151 20.06 14.05 13.15
CA HIS B 151 20.63 14.53 14.41
C HIS B 151 21.46 15.80 14.20
N ARG B 152 22.51 15.72 13.38
CA ARG B 152 23.39 16.85 13.04
C ARG B 152 24.26 17.31 14.21
N ASP B 153 24.02 16.79 15.41
CA ASP B 153 24.81 17.16 16.58
C ASP B 153 25.43 15.92 17.23
N LEU B 154 25.62 14.86 16.45
CA LEU B 154 26.16 13.62 16.96
C LEU B 154 27.57 13.84 17.49
N LYS B 155 27.80 13.40 18.72
CA LYS B 155 29.10 13.55 19.36
C LYS B 155 29.24 12.48 20.42
N PRO B 156 30.47 12.11 20.78
CA PRO B 156 30.64 11.09 21.83
C PRO B 156 30.10 11.50 23.18
N SER B 157 30.03 12.80 23.47
CA SER B 157 29.54 13.26 24.76
C SER B 157 28.02 13.18 24.87
N ASN B 158 27.33 12.94 23.76
CA ASN B 158 25.89 12.69 23.76
C ASN B 158 25.56 11.21 23.57
N ILE B 159 26.57 10.34 23.66
CA ILE B 159 26.40 8.91 23.44
C ILE B 159 26.77 8.21 24.72
N VAL B 160 25.90 7.32 25.19
CA VAL B 160 26.09 6.59 26.43
C VAL B 160 26.03 5.10 26.12
N VAL B 161 26.82 4.33 26.84
CA VAL B 161 26.89 2.88 26.65
C VAL B 161 26.87 2.21 28.01
N LYS B 162 26.51 0.94 28.02
CA LYS B 162 26.58 0.13 29.21
C LYS B 162 27.73 -0.85 29.03
N SER B 163 28.10 -1.53 30.10
CA SER B 163 29.31 -2.34 30.03
C SER B 163 29.09 -3.67 29.34
N ASP B 164 27.86 -3.98 28.90
CA ASP B 164 27.64 -5.02 27.92
C ASP B 164 27.65 -4.44 26.51
N CYS B 165 28.19 -3.22 26.36
CA CYS B 165 28.29 -2.52 25.09
C CYS B 165 26.93 -2.30 24.45
N THR B 166 25.89 -2.14 25.27
CA THR B 166 24.61 -1.67 24.78
C THR B 166 24.67 -0.16 24.66
N LEU B 167 24.43 0.35 23.45
CA LEU B 167 24.62 1.76 23.14
C LEU B 167 23.25 2.43 23.02
N LYS B 168 23.15 3.64 23.55
CA LYS B 168 21.93 4.41 23.48
C LYS B 168 22.26 5.87 23.17
N ILE B 169 21.35 6.52 22.47
CA ILE B 169 21.54 7.90 22.04
C ILE B 169 20.88 8.81 23.06
N LEU B 170 21.62 9.80 23.55
CA LEU B 170 21.12 10.68 24.60
C LEU B 170 20.34 11.86 24.03
N ASP B 171 20.79 12.39 22.90
CA ASP B 171 20.25 13.62 22.35
C ASP B 171 19.54 13.34 21.03
N PHE B 172 18.65 14.25 20.67
CA PHE B 172 17.96 14.20 19.39
C PHE B 172 18.49 15.27 18.44
N GLY B 173 19.50 16.02 18.85
CA GLY B 173 20.08 17.05 18.01
C GLY B 173 19.07 18.12 17.68
N LEU B 174 19.09 18.57 16.43
CA LEU B 174 18.16 19.57 15.94
C LEU B 174 17.11 19.00 15.01
N ALA B 175 17.48 18.04 14.16
CA ALA B 175 16.50 17.31 13.34
C ALA B 175 15.80 18.30 12.40
N ARG B 176 14.48 18.24 12.29
CA ARG B 176 13.77 19.12 11.37
C ARG B 176 13.96 20.58 11.71
N THR B 177 14.25 20.91 12.98
CA THR B 177 14.42 22.31 13.33
C THR B 177 15.83 22.73 12.95
N ALA B 178 15.93 23.88 12.31
CA ALA B 178 17.17 24.38 11.74
C ALA B 178 17.94 25.19 12.77
N GLY B 179 19.26 25.18 12.62
CA GLY B 179 20.15 25.92 13.48
C GLY B 179 21.06 26.85 12.69
N THR B 180 22.21 27.13 13.30
CA THR B 180 23.28 27.93 12.72
C THR B 180 24.58 27.46 13.36
N SER B 181 25.69 28.17 13.08
CA SER B 181 26.99 27.74 13.58
C SER B 181 27.27 28.26 14.99
N PHE B 182 26.47 29.19 15.50
CA PHE B 182 26.65 29.76 16.83
C PHE B 182 25.34 29.67 17.58
N MET B 183 25.31 28.86 18.64
CA MET B 183 24.11 28.60 19.43
C MET B 183 24.26 29.28 20.78
N MET B 184 23.27 29.08 21.65
CA MET B 184 23.30 29.73 22.95
C MET B 184 23.50 28.69 24.05
N THR B 185 23.15 29.06 25.29
CA THR B 185 23.46 28.21 26.43
C THR B 185 22.70 26.89 26.47
N PRO B 186 21.48 26.76 25.93
CA PRO B 186 20.86 25.42 25.92
C PRO B 186 21.59 24.44 25.02
N TYR B 187 22.07 24.89 23.88
CA TYR B 187 22.74 24.01 22.93
C TYR B 187 24.24 24.02 23.19
N VAL B 188 24.96 23.14 22.49
CA VAL B 188 26.42 23.14 22.51
C VAL B 188 26.91 23.22 21.07
N VAL B 189 28.21 23.44 20.91
CA VAL B 189 28.80 23.62 19.59
C VAL B 189 29.24 22.30 18.97
N THR B 190 30.01 21.50 19.71
CA THR B 190 30.41 20.17 19.26
C THR B 190 30.97 20.21 17.84
N ARG B 191 31.97 21.07 17.62
CA ARG B 191 32.39 21.36 16.26
C ARG B 191 33.19 20.24 15.63
N TYR B 192 33.91 19.45 16.44
CA TYR B 192 34.88 18.49 15.91
C TYR B 192 34.25 17.48 14.95
N TYR B 193 33.00 17.12 15.16
CA TYR B 193 32.35 16.04 14.43
C TYR B 193 31.36 16.51 13.36
N ARG B 194 31.37 17.79 13.00
CA ARG B 194 30.39 18.30 12.05
C ARG B 194 30.84 18.11 10.61
N ALA B 195 29.86 17.97 9.72
CA ALA B 195 30.03 17.53 8.34
C ALA B 195 30.56 18.66 7.45
N PRO B 196 30.96 18.33 6.22
CA PRO B 196 31.29 19.40 5.25
C PRO B 196 30.10 20.26 4.85
N GLU B 197 28.89 19.71 4.81
CA GLU B 197 27.75 20.55 4.44
C GLU B 197 27.39 21.55 5.53
N VAL B 198 27.44 21.12 6.80
CA VAL B 198 27.11 22.05 7.89
C VAL B 198 28.06 23.23 7.93
N ILE B 199 29.36 23.00 7.68
CA ILE B 199 30.33 24.07 7.82
C ILE B 199 30.17 25.13 6.72
N LEU B 200 29.78 24.73 5.51
CA LEU B 200 29.64 25.66 4.40
C LEU B 200 28.20 26.11 4.19
N GLY B 201 27.27 25.69 5.03
CA GLY B 201 25.89 26.13 4.92
C GLY B 201 25.27 25.86 3.56
N MET B 202 25.62 24.73 2.94
CA MET B 202 25.14 24.38 1.61
C MET B 202 23.83 23.61 1.65
N GLY B 203 23.23 23.46 2.84
CA GLY B 203 22.08 22.60 3.02
C GLY B 203 22.50 21.20 3.41
N TYR B 204 21.54 20.46 3.97
CA TYR B 204 21.81 19.11 4.45
C TYR B 204 20.75 18.14 3.97
N LYS B 205 21.17 16.89 3.80
CA LYS B 205 20.26 15.78 3.52
C LYS B 205 20.39 14.82 4.69
N GLU B 206 19.98 13.56 4.52
CA GLU B 206 20.02 12.61 5.63
C GLU B 206 21.41 12.00 5.87
N ASN B 207 22.35 12.12 4.93
CA ASN B 207 23.68 11.54 5.12
C ASN B 207 24.60 12.45 5.92
N VAL B 208 24.07 13.57 6.41
CA VAL B 208 24.79 14.43 7.35
C VAL B 208 25.39 13.62 8.50
N ASP B 209 24.55 12.80 9.15
CA ASP B 209 24.99 12.03 10.32
C ASP B 209 26.01 10.96 9.95
N ILE B 210 26.03 10.54 8.68
CA ILE B 210 27.02 9.57 8.23
C ILE B 210 28.44 10.11 8.43
N TRP B 211 28.63 11.41 8.21
CA TRP B 211 29.96 12.00 8.38
C TRP B 211 30.45 11.87 9.82
N SER B 212 29.58 12.15 10.79
CA SER B 212 30.04 12.25 12.16
C SER B 212 30.31 10.89 12.78
N VAL B 213 29.60 9.85 12.34
CA VAL B 213 29.97 8.50 12.74
C VAL B 213 31.32 8.12 12.15
N GLY B 214 31.69 8.72 11.02
CA GLY B 214 33.02 8.50 10.47
C GLY B 214 34.13 9.05 11.33
N CYS B 215 33.95 10.25 11.87
CA CYS B 215 34.94 10.82 12.78
C CYS B 215 34.96 10.06 14.11
N ILE B 216 33.79 9.63 14.59
CA ILE B 216 33.72 8.83 15.81
C ILE B 216 34.46 7.51 15.63
N MET B 217 34.19 6.82 14.51
CA MET B 217 34.90 5.57 14.23
C MET B 217 36.38 5.82 14.06
N GLY B 218 36.75 6.87 13.32
CA GLY B 218 38.15 7.22 13.17
C GLY B 218 38.81 7.60 14.48
N GLU B 219 38.04 8.17 15.41
CA GLU B 219 38.61 8.51 16.72
C GLU B 219 38.92 7.25 17.52
N MET B 220 38.12 6.20 17.38
CA MET B 220 38.43 4.94 18.04
C MET B 220 39.80 4.43 17.62
N ILE B 221 40.05 4.42 16.31
CA ILE B 221 41.30 3.87 15.79
C ILE B 221 42.48 4.76 16.15
N LYS B 222 42.31 6.08 16.06
CA LYS B 222 43.42 6.98 16.28
C LYS B 222 43.62 7.30 17.75
N GLY B 223 42.57 7.28 18.55
CA GLY B 223 42.65 7.60 19.96
C GLY B 223 42.52 9.07 20.26
N GLY B 224 42.51 9.92 19.24
CA GLY B 224 42.31 11.34 19.42
C GLY B 224 41.33 11.86 18.38
N VAL B 225 40.90 13.11 18.58
CA VAL B 225 39.96 13.72 17.65
C VAL B 225 40.58 13.77 16.27
N LEU B 226 39.84 13.25 15.28
CA LEU B 226 40.37 13.14 13.92
C LEU B 226 40.65 14.51 13.32
N PHE B 227 39.68 15.43 13.43
CA PHE B 227 39.81 16.78 12.88
C PHE B 227 39.67 17.78 14.03
N PRO B 228 40.78 18.10 14.71
CA PRO B 228 40.71 19.10 15.79
C PRO B 228 40.95 20.51 15.27
N GLY B 229 39.91 21.33 15.26
CA GLY B 229 39.99 22.69 14.75
C GLY B 229 39.90 23.71 15.87
N THR B 230 40.91 24.59 15.93
CA THR B 230 40.92 25.62 16.96
C THR B 230 39.82 26.64 16.75
N ASP B 231 39.43 26.90 15.51
CA ASP B 231 38.38 27.85 15.20
C ASP B 231 37.31 27.18 14.34
N HIS B 232 36.32 27.99 13.94
CA HIS B 232 35.21 27.48 13.14
C HIS B 232 35.70 26.93 11.81
N ILE B 233 36.65 27.63 11.17
CA ILE B 233 37.12 27.24 9.84
C ILE B 233 38.44 26.48 9.89
N ASP B 234 39.20 26.55 11.00
CA ASP B 234 40.39 25.72 11.15
C ASP B 234 40.06 24.25 10.99
N GLN B 235 38.90 23.83 11.51
CA GLN B 235 38.41 22.49 11.26
C GLN B 235 38.42 22.19 9.77
N TRP B 236 37.87 23.11 8.96
CA TRP B 236 37.85 22.92 7.52
C TRP B 236 39.25 22.78 6.96
N ASN B 237 40.18 23.63 7.40
CA ASN B 237 41.55 23.54 6.92
C ASN B 237 42.14 22.18 7.26
N LYS B 238 41.96 21.74 8.51
CA LYS B 238 42.49 20.46 8.94
C LYS B 238 41.69 19.30 8.36
N VAL B 239 40.38 19.47 8.14
CA VAL B 239 39.58 18.41 7.55
C VAL B 239 40.13 18.03 6.17
N ILE B 240 40.33 19.04 5.31
CA ILE B 240 40.86 18.78 3.96
C ILE B 240 42.39 18.77 3.92
N GLU B 241 43.07 19.20 4.99
CA GLU B 241 44.52 19.04 5.03
C GLU B 241 44.90 17.56 5.02
N GLN B 242 44.11 16.73 5.69
CA GLN B 242 44.35 15.29 5.73
C GLN B 242 43.52 14.53 4.70
N LEU B 243 42.27 14.93 4.48
CA LEU B 243 41.41 14.24 3.51
C LEU B 243 41.59 14.75 2.09
N GLY B 244 42.16 15.93 1.90
CA GLY B 244 42.39 16.50 0.60
C GLY B 244 41.34 17.54 0.23
N THR B 245 41.75 18.47 -0.63
CA THR B 245 40.87 19.56 -1.04
C THR B 245 39.78 19.04 -1.96
N PRO B 246 38.58 19.62 -1.88
CA PRO B 246 37.51 19.17 -2.78
C PRO B 246 37.91 19.38 -4.23
N CYS B 247 37.55 18.43 -5.06
CA CYS B 247 37.88 18.42 -6.47
C CYS B 247 37.03 19.45 -7.22
N PRO B 248 37.49 19.88 -8.42
CA PRO B 248 36.83 21.02 -9.08
C PRO B 248 35.33 20.88 -9.28
N GLU B 249 34.82 19.67 -9.51
CA GLU B 249 33.39 19.51 -9.70
C GLU B 249 32.60 19.84 -8.44
N PHE B 250 33.17 19.57 -7.26
CA PHE B 250 32.46 19.84 -6.02
C PHE B 250 32.27 21.34 -5.76
N MET B 251 33.29 22.14 -6.09
CA MET B 251 33.26 23.56 -5.76
C MET B 251 32.24 24.35 -6.58
N LYS B 252 31.74 23.80 -7.69
CA LYS B 252 30.79 24.52 -8.52
C LYS B 252 29.50 24.81 -7.75
N LYS B 253 29.04 23.85 -6.94
CA LYS B 253 27.77 23.96 -6.23
C LYS B 253 27.82 24.91 -5.05
N LEU B 254 29.01 25.38 -4.66
CA LEU B 254 29.18 26.21 -3.48
C LEU B 254 28.57 27.61 -3.67
N GLN B 255 28.27 28.24 -2.54
CA GLN B 255 27.80 29.61 -2.57
C GLN B 255 28.92 30.54 -3.04
N PRO B 256 28.62 31.53 -3.86
CA PRO B 256 29.70 32.37 -4.42
C PRO B 256 30.54 33.08 -3.37
N THR B 257 29.96 33.45 -2.23
CA THR B 257 30.68 34.29 -1.27
C THR B 257 31.96 33.62 -0.77
N VAL B 258 31.86 32.35 -0.37
CA VAL B 258 33.01 31.59 0.14
C VAL B 258 33.49 30.48 -0.80
N ARG B 259 32.81 30.24 -1.94
CA ARG B 259 33.39 29.36 -2.96
C ARG B 259 34.79 29.84 -3.33
N THR B 260 34.92 31.13 -3.65
CA THR B 260 36.24 31.73 -3.85
C THR B 260 37.21 31.38 -2.72
N TYR B 261 36.73 31.47 -1.48
CA TYR B 261 37.61 31.33 -0.31
C TYR B 261 38.20 29.92 -0.21
N VAL B 262 37.41 28.89 -0.53
CA VAL B 262 37.95 27.53 -0.44
C VAL B 262 39.10 27.35 -1.42
N GLU B 263 38.98 27.91 -2.62
CA GLU B 263 40.05 27.83 -3.61
C GLU B 263 41.22 28.74 -3.24
N ASN B 264 40.95 29.93 -2.72
CA ASN B 264 42.03 30.84 -2.33
C ASN B 264 42.84 30.27 -1.17
N ARG B 265 42.20 29.50 -0.30
CA ARG B 265 42.93 28.80 0.75
C ARG B 265 43.90 27.82 0.10
N PRO B 266 45.04 27.53 0.75
CA PRO B 266 46.05 26.68 0.12
C PRO B 266 45.51 25.30 -0.24
N LYS B 267 46.09 24.73 -1.29
CA LYS B 267 45.67 23.44 -1.84
C LYS B 267 46.53 22.32 -1.28
N TYR B 268 45.87 21.28 -0.77
CA TYR B 268 46.51 20.08 -0.25
C TYR B 268 46.07 18.88 -1.08
N ALA B 269 47.03 18.03 -1.45
CA ALA B 269 46.68 16.82 -2.19
C ALA B 269 45.90 15.85 -1.31
N GLY B 270 46.24 15.76 -0.03
CA GLY B 270 45.56 14.90 0.90
C GLY B 270 46.29 13.58 1.11
N TYR B 271 45.83 12.84 2.10
CA TYR B 271 46.42 11.56 2.47
C TYR B 271 45.44 10.43 2.16
N SER B 272 45.99 9.29 1.78
CA SER B 272 45.15 8.12 1.57
C SER B 272 44.84 7.47 2.91
N PHE B 273 43.68 6.82 2.98
CA PHE B 273 43.29 6.18 4.23
C PHE B 273 44.24 5.05 4.59
N GLU B 274 44.96 4.50 3.59
CA GLU B 274 45.89 3.42 3.83
C GLU B 274 46.98 3.82 4.81
N LYS B 275 47.53 5.03 4.63
CA LYS B 275 48.54 5.56 5.52
C LYS B 275 47.97 6.54 6.55
N LEU B 276 46.78 7.09 6.31
CA LEU B 276 46.12 7.88 7.34
C LEU B 276 45.75 7.04 8.56
N PHE B 277 45.25 5.83 8.33
CA PHE B 277 44.89 4.89 9.39
C PHE B 277 45.73 3.64 9.24
N PRO B 278 46.97 3.65 9.74
CA PRO B 278 47.85 2.50 9.56
C PRO B 278 47.46 1.34 10.49
N ASP B 279 47.91 0.15 10.09
CA ASP B 279 47.67 -1.07 10.84
C ASP B 279 48.53 -1.18 12.09
N VAL B 280 49.49 -0.28 12.30
CA VAL B 280 50.39 -0.39 13.44
C VAL B 280 49.62 -0.33 14.75
N LEU B 281 48.72 0.66 14.88
CA LEU B 281 47.86 0.69 16.06
C LEU B 281 46.75 -0.35 15.99
N PHE B 282 46.39 -0.80 14.78
CA PHE B 282 45.44 -1.88 14.66
C PHE B 282 46.05 -3.14 15.25
N PRO B 283 45.24 -4.14 15.59
CA PRO B 283 45.81 -5.44 15.95
C PRO B 283 46.49 -6.02 14.73
N ALA B 284 47.72 -6.52 14.90
CA ALA B 284 48.56 -6.90 13.78
C ALA B 284 49.23 -8.25 13.91
N ASP B 285 49.26 -8.86 15.09
CA ASP B 285 49.87 -10.18 15.23
C ASP B 285 49.19 -11.19 14.33
N SER B 286 47.87 -11.19 14.33
CA SER B 286 47.08 -12.02 13.43
C SER B 286 46.90 -11.29 12.11
N GLU B 287 46.20 -11.94 11.17
CA GLU B 287 45.77 -11.30 9.93
C GLU B 287 44.26 -11.22 9.80
N HIS B 288 43.49 -12.00 10.57
CA HIS B 288 42.05 -11.79 10.64
C HIS B 288 41.75 -10.36 11.08
N ASN B 289 42.49 -9.87 12.06
CA ASN B 289 42.42 -8.46 12.45
C ASN B 289 42.78 -7.56 11.27
N LYS B 290 43.82 -7.93 10.53
CA LYS B 290 44.23 -7.14 9.38
C LYS B 290 43.13 -7.07 8.33
N LEU B 291 42.45 -8.20 8.09
CA LEU B 291 41.33 -8.18 7.15
C LEU B 291 40.14 -7.44 7.74
N LYS B 292 39.91 -7.54 9.04
CA LYS B 292 38.86 -6.72 9.63
C LYS B 292 39.31 -5.26 9.71
N ALA B 293 40.62 -5.02 9.78
CA ALA B 293 41.14 -3.69 9.52
C ALA B 293 40.94 -3.29 8.06
N SER B 294 41.11 -4.25 7.13
CA SER B 294 40.77 -3.97 5.74
C SER B 294 39.34 -3.43 5.63
N GLN B 295 38.36 -4.13 6.20
CA GLN B 295 36.96 -3.71 6.07
C GLN B 295 36.73 -2.35 6.74
N ALA B 296 37.42 -2.09 7.85
CA ALA B 296 37.27 -0.82 8.56
C ALA B 296 37.71 0.36 7.69
N ARG B 297 38.90 0.27 7.10
CA ARG B 297 39.41 1.36 6.28
C ARG B 297 38.58 1.53 5.01
N ASP B 298 38.11 0.41 4.43
CA ASP B 298 37.29 0.50 3.23
C ASP B 298 35.98 1.23 3.51
N LEU B 299 35.40 0.99 4.69
CA LEU B 299 34.13 1.67 5.05
C LEU B 299 34.43 3.14 5.40
N LEU B 300 35.58 3.38 6.04
CA LEU B 300 35.89 4.74 6.45
C LEU B 300 36.05 5.69 5.26
N SER B 301 36.72 5.23 4.20
CA SER B 301 36.84 6.04 2.99
C SER B 301 35.47 6.37 2.42
N LYS B 302 34.61 5.36 2.35
CA LYS B 302 33.30 5.56 1.76
C LYS B 302 32.46 6.51 2.60
N MET B 303 32.67 6.52 3.92
CA MET B 303 31.91 7.38 4.81
C MET B 303 32.53 8.77 4.96
N LEU B 304 33.86 8.86 4.95
CA LEU B 304 34.55 10.14 5.07
C LEU B 304 34.90 10.67 3.68
N VAL B 305 33.84 11.07 2.96
CA VAL B 305 33.96 11.66 1.64
C VAL B 305 33.44 13.09 1.71
N ILE B 306 34.10 13.98 0.96
CA ILE B 306 33.69 15.38 0.93
C ILE B 306 32.28 15.52 0.38
N ASP B 307 31.99 14.86 -0.73
CA ASP B 307 30.71 15.03 -1.42
C ASP B 307 29.61 14.21 -0.74
N ALA B 308 28.55 14.90 -0.33
CA ALA B 308 27.41 14.23 0.28
C ALA B 308 26.65 13.38 -0.72
N SER B 309 26.66 13.74 -2.00
CA SER B 309 25.77 13.10 -2.96
C SER B 309 26.23 11.70 -3.33
N LYS B 310 27.54 11.46 -3.39
CA LYS B 310 28.07 10.11 -3.52
C LYS B 310 28.38 9.44 -2.19
N ARG B 311 28.09 10.11 -1.07
CA ARG B 311 28.35 9.54 0.26
C ARG B 311 27.46 8.35 0.56
N ILE B 312 27.98 7.46 1.41
CA ILE B 312 27.28 6.24 1.79
C ILE B 312 26.00 6.55 2.55
N SER B 313 24.93 5.82 2.23
CA SER B 313 23.69 5.89 2.96
C SER B 313 23.79 5.04 4.23
N VAL B 314 22.88 5.29 5.18
CA VAL B 314 22.84 4.49 6.40
C VAL B 314 22.42 3.05 6.10
N ASP B 315 21.50 2.87 5.16
CA ASP B 315 21.00 1.53 4.84
C ASP B 315 22.10 0.65 4.25
N GLU B 316 22.85 1.18 3.28
CA GLU B 316 23.97 0.42 2.72
C GLU B 316 25.08 0.23 3.74
N ALA B 317 25.30 1.22 4.62
CA ALA B 317 26.32 1.08 5.65
C ALA B 317 25.99 -0.07 6.59
N LEU B 318 24.70 -0.29 6.86
CA LEU B 318 24.29 -1.41 7.68
C LEU B 318 24.62 -2.74 7.02
N GLN B 319 24.55 -2.80 5.71
CA GLN B 319 24.82 -4.02 4.96
C GLN B 319 26.27 -4.13 4.50
N HIS B 320 27.14 -3.26 4.99
CA HIS B 320 28.56 -3.41 4.68
C HIS B 320 29.13 -4.61 5.45
N PRO B 321 30.04 -5.37 4.84
CA PRO B 321 30.58 -6.55 5.52
C PRO B 321 31.13 -6.29 6.91
N TYR B 322 31.68 -5.09 7.15
CA TYR B 322 32.15 -4.77 8.50
C TYR B 322 30.99 -4.69 9.49
N ILE B 323 29.82 -4.29 9.01
CA ILE B 323 28.67 -4.08 9.88
C ILE B 323 27.59 -5.14 9.66
N ASN B 324 27.49 -5.72 8.46
CA ASN B 324 26.46 -6.70 8.15
C ASN B 324 26.60 -7.98 8.96
N VAL B 325 27.72 -8.18 9.63
CA VAL B 325 27.88 -9.37 10.48
C VAL B 325 26.92 -9.32 11.67
N TRP B 326 26.50 -8.12 12.07
CA TRP B 326 25.69 -7.99 13.29
C TRP B 326 24.23 -7.72 12.97
N TYR B 327 23.75 -8.18 11.82
CA TYR B 327 22.38 -7.80 11.39
C TYR B 327 21.25 -8.47 12.18
N ASP B 328 20.30 -7.66 12.66
CA ASP B 328 19.12 -8.17 13.39
C ASP B 328 18.01 -7.16 13.14
N PRO B 329 16.89 -7.53 12.49
CA PRO B 329 15.86 -6.57 12.12
C PRO B 329 15.25 -5.73 13.25
N SER B 330 15.07 -6.29 14.44
CA SER B 330 14.40 -5.55 15.54
C SER B 330 15.14 -4.24 15.77
N GLU B 331 16.42 -4.21 15.41
CA GLU B 331 17.17 -2.94 15.54
C GLU B 331 17.10 -2.19 14.20
N ALA B 332 16.81 -2.88 13.10
CA ALA B 332 16.77 -2.24 11.78
C ALA B 332 15.34 -2.15 11.24
N GLU B 333 14.72 -3.30 10.96
CA GLU B 333 13.35 -3.32 10.37
C GLU B 333 12.34 -2.97 11.46
N ALA B 334 12.55 -1.85 12.12
CA ALA B 334 11.68 -1.47 13.23
C ALA B 334 10.48 -0.68 12.73
N PRO B 335 9.46 -0.53 13.56
CA PRO B 335 8.33 0.33 13.18
C PRO B 335 8.71 1.80 13.27
N PRO B 336 8.33 2.60 12.28
CA PRO B 336 8.67 4.03 12.31
C PRO B 336 7.96 4.74 13.43
N PRO B 337 8.67 5.63 14.18
CA PRO B 337 8.06 6.35 15.28
C PRO B 337 7.00 7.33 14.80
N LYS B 338 6.00 7.61 15.65
CA LYS B 338 4.92 8.54 15.28
C LYS B 338 4.94 9.70 16.28
N ILE B 339 5.15 10.92 15.79
CA ILE B 339 5.27 12.10 16.70
C ILE B 339 3.89 12.74 16.84
N PRO B 340 3.34 12.85 18.07
CA PRO B 340 2.02 13.39 18.26
C PRO B 340 1.87 14.86 17.88
N GLN B 343 3.51 17.00 19.46
CA GLN B 343 2.82 17.85 18.46
C GLN B 343 3.83 18.30 17.41
N LEU B 344 3.36 18.64 16.19
CA LEU B 344 4.28 19.16 15.14
C LEU B 344 5.28 20.10 15.79
N ASP B 345 6.57 19.90 15.53
CA ASP B 345 7.63 20.75 16.14
C ASP B 345 8.12 21.74 15.07
N GLU B 346 7.22 22.57 14.54
CA GLU B 346 7.55 23.54 13.52
C GLU B 346 7.15 24.96 13.91
N ARG B 347 6.48 25.14 15.04
CA ARG B 347 5.97 26.42 15.47
C ARG B 347 6.69 26.92 16.73
N GLU B 348 6.73 28.24 16.87
CA GLU B 348 7.20 28.91 18.08
C GLU B 348 6.05 29.72 18.65
N HIS B 349 5.97 29.77 19.98
CA HIS B 349 4.83 30.42 20.63
C HIS B 349 5.33 31.24 21.82
N THR B 350 4.37 31.86 22.51
CA THR B 350 4.70 32.70 23.65
C THR B 350 5.40 31.88 24.74
N ILE B 351 6.27 32.54 25.49
CA ILE B 351 6.93 31.90 26.62
C ILE B 351 5.90 31.32 27.58
N GLU B 352 4.84 32.08 27.86
CA GLU B 352 3.77 31.55 28.71
C GLU B 352 3.08 30.36 28.04
N GLU B 353 2.92 30.41 26.72
CA GLU B 353 2.36 29.26 26.01
C GLU B 353 3.31 28.05 26.10
N TRP B 354 4.61 28.31 26.08
CA TRP B 354 5.59 27.24 26.26
C TRP B 354 5.41 26.59 27.63
N LYS B 355 5.27 27.41 28.67
CA LYS B 355 5.09 26.89 30.02
C LYS B 355 3.81 26.05 30.11
N GLU B 356 2.73 26.52 29.47
CA GLU B 356 1.51 25.72 29.44
C GLU B 356 1.72 24.41 28.70
N LEU B 357 2.50 24.44 27.61
CA LEU B 357 2.75 23.23 26.83
C LEU B 357 3.58 22.22 27.60
N ILE B 358 4.59 22.69 28.36
CA ILE B 358 5.47 21.76 29.07
C ILE B 358 4.76 21.18 30.28
N TYR B 359 3.92 21.98 30.95
CA TYR B 359 3.22 21.50 32.15
C TYR B 359 2.24 20.37 31.80
N LYS B 360 1.41 20.58 30.77
CA LYS B 360 0.51 19.51 30.35
C LYS B 360 1.29 18.26 29.98
N GLU B 361 2.46 18.44 29.36
CA GLU B 361 3.26 17.30 28.93
C GLU B 361 3.71 16.46 30.12
N VAL B 362 4.20 17.10 31.18
CA VAL B 362 4.63 16.38 32.37
C VAL B 362 3.46 15.91 33.22
N MET B 363 2.30 16.57 33.14
CA MET B 363 1.18 16.19 33.98
C MET B 363 0.24 15.20 33.31
N ASP B 364 0.19 15.16 31.98
CA ASP B 364 -0.51 14.12 31.26
C ASP B 364 0.48 13.06 30.82
N LEU B 365 0.29 11.83 31.30
CA LEU B 365 1.13 10.72 30.88
C LEU B 365 0.28 9.49 30.56
N ASP C 9 12.62 -23.93 -58.77
CA ASP C 9 13.50 -22.78 -58.65
C ASP C 9 12.97 -21.60 -59.44
N ASN C 10 11.66 -21.60 -59.69
CA ASN C 10 11.05 -20.52 -60.45
C ASN C 10 11.47 -19.16 -59.90
N ASN C 11 11.13 -18.91 -58.63
CA ASN C 11 11.56 -17.71 -57.93
C ASN C 11 12.04 -18.01 -56.51
N PHE C 12 12.39 -19.26 -56.20
CA PHE C 12 12.87 -19.63 -54.87
C PHE C 12 14.36 -19.95 -54.91
N TYR C 13 15.00 -19.82 -53.76
CA TYR C 13 16.41 -20.14 -53.61
C TYR C 13 16.65 -20.75 -52.23
N SER C 14 17.82 -21.40 -52.09
CA SER C 14 18.11 -22.30 -50.97
C SER C 14 19.15 -21.69 -50.05
N VAL C 15 19.01 -21.95 -48.74
CA VAL C 15 20.05 -21.62 -47.78
C VAL C 15 20.03 -22.63 -46.63
N GLU C 16 21.21 -23.14 -46.29
CA GLU C 16 21.37 -24.07 -45.16
C GLU C 16 21.67 -23.27 -43.89
N ILE C 17 20.72 -23.28 -42.96
CA ILE C 17 20.90 -22.50 -41.71
C ILE C 17 20.68 -23.38 -40.47
N GLY C 18 21.64 -23.33 -39.54
CA GLY C 18 21.49 -24.02 -38.24
C GLY C 18 21.07 -25.46 -38.38
N ASP C 19 21.75 -26.22 -39.26
CA ASP C 19 21.55 -27.67 -39.53
C ASP C 19 20.24 -27.92 -40.29
N SER C 20 19.65 -26.89 -40.90
CA SER C 20 18.38 -27.09 -41.63
C SER C 20 18.47 -26.38 -42.98
N THR C 21 17.72 -26.89 -43.95
CA THR C 21 17.72 -26.27 -45.30
C THR C 21 16.50 -25.37 -45.42
N PHE C 22 16.73 -24.06 -45.54
CA PHE C 22 15.65 -23.10 -45.69
C PHE C 22 15.62 -22.72 -47.16
N THR C 23 14.46 -22.87 -47.79
CA THR C 23 14.31 -22.47 -49.18
C THR C 23 13.10 -21.57 -49.24
N VAL C 24 13.30 -20.34 -49.68
CA VAL C 24 12.33 -19.27 -49.58
C VAL C 24 12.31 -18.49 -50.89
N LEU C 25 11.40 -17.53 -50.97
CA LEU C 25 11.38 -16.62 -52.10
C LEU C 25 12.60 -15.71 -52.08
N LYS C 26 13.05 -15.30 -53.26
CA LYS C 26 14.23 -14.46 -53.34
C LYS C 26 13.97 -13.04 -52.85
N ARG C 27 12.70 -12.65 -52.72
CA ARG C 27 12.37 -11.36 -52.14
C ARG C 27 13.09 -11.17 -50.80
N TYR C 28 13.12 -12.22 -50.00
CA TYR C 28 13.84 -12.22 -48.74
C TYR C 28 15.26 -12.73 -48.96
N GLN C 29 16.24 -11.97 -48.46
CA GLN C 29 17.64 -12.42 -48.55
C GLN C 29 18.40 -11.92 -47.33
N ASN C 30 19.67 -12.32 -47.25
CA ASN C 30 20.49 -12.14 -46.06
C ASN C 30 19.76 -12.71 -44.84
N LEU C 31 19.29 -13.96 -44.99
CA LEU C 31 18.61 -14.64 -43.90
C LEU C 31 19.60 -14.86 -42.77
N LYS C 32 19.21 -14.47 -41.56
CA LYS C 32 20.06 -14.61 -40.39
C LYS C 32 19.22 -15.21 -39.25
N PRO C 33 19.67 -16.29 -38.64
CA PRO C 33 18.82 -16.96 -37.63
C PRO C 33 18.75 -16.14 -36.35
N ILE C 34 17.52 -15.81 -35.96
CA ILE C 34 17.28 -15.02 -34.73
C ILE C 34 16.86 -15.97 -33.61
N GLY C 35 16.04 -16.97 -33.93
CA GLY C 35 15.58 -17.88 -32.91
C GLY C 35 16.60 -18.97 -32.61
N SER C 36 16.70 -19.30 -31.32
CA SER C 36 17.59 -20.37 -30.88
C SER C 36 17.06 -21.75 -31.24
N GLY C 37 15.77 -21.86 -31.59
CA GLY C 37 15.17 -23.13 -31.93
C GLY C 37 14.11 -23.62 -30.97
N ALA C 38 13.90 -22.94 -29.85
CA ALA C 38 12.89 -23.36 -28.90
C ALA C 38 11.50 -23.26 -29.52
N GLN C 39 11.26 -22.17 -30.23
CA GLN C 39 9.93 -21.95 -30.86
C GLN C 39 9.96 -22.44 -32.30
N GLY C 40 11.00 -23.19 -32.68
CA GLY C 40 11.21 -23.65 -34.03
C GLY C 40 12.30 -22.86 -34.75
N ILE C 41 12.79 -23.43 -35.84
CA ILE C 41 13.85 -22.84 -36.64
C ILE C 41 13.26 -21.66 -37.42
N VAL C 42 13.73 -20.45 -37.10
CA VAL C 42 13.24 -19.23 -37.79
C VAL C 42 14.43 -18.29 -37.98
N CYS C 43 14.44 -17.55 -39.08
CA CYS C 43 15.51 -16.61 -39.39
C CYS C 43 14.90 -15.31 -39.91
N ALA C 44 15.68 -14.24 -39.82
CA ALA C 44 15.26 -12.90 -40.20
C ALA C 44 15.79 -12.56 -41.58
N ALA C 45 14.98 -11.85 -42.36
CA ALA C 45 15.34 -11.46 -43.72
C ALA C 45 14.87 -10.04 -44.00
N TYR C 46 15.29 -9.54 -45.15
CA TYR C 46 14.86 -8.25 -45.67
C TYR C 46 13.98 -8.54 -46.88
N ASP C 47 12.74 -8.10 -46.81
CA ASP C 47 11.77 -8.36 -47.88
C ASP C 47 11.88 -7.24 -48.91
N ALA C 48 12.20 -7.61 -50.15
CA ALA C 48 12.42 -6.60 -51.18
C ALA C 48 11.12 -5.94 -51.58
N ILE C 49 10.05 -6.72 -51.73
CA ILE C 49 8.79 -6.18 -52.24
C ILE C 49 8.20 -5.16 -51.27
N LEU C 50 8.16 -5.51 -49.98
CA LEU C 50 7.60 -4.63 -48.97
C LEU C 50 8.64 -3.79 -48.25
N GLU C 51 9.91 -3.88 -48.63
CA GLU C 51 10.98 -3.03 -48.11
C GLU C 51 11.00 -3.06 -46.58
N ARG C 52 10.95 -4.26 -46.02
CA ARG C 52 10.92 -4.42 -44.57
C ARG C 52 11.67 -5.67 -44.17
N ASN C 53 12.31 -5.62 -43.01
CA ASN C 53 12.89 -6.80 -42.42
C ASN C 53 11.80 -7.64 -41.78
N VAL C 54 11.87 -8.96 -41.99
CA VAL C 54 10.79 -9.87 -41.63
C VAL C 54 11.33 -11.15 -41.02
N ALA C 55 10.46 -11.81 -40.25
CA ALA C 55 10.76 -13.12 -39.62
C ALA C 55 10.07 -14.20 -40.44
N ILE C 56 10.78 -15.29 -40.71
CA ILE C 56 10.32 -16.38 -41.56
C ILE C 56 10.34 -17.67 -40.75
N LYS C 57 9.22 -18.38 -40.75
CA LYS C 57 9.11 -19.61 -39.93
C LYS C 57 8.86 -20.84 -40.80
N LYS C 58 9.69 -21.86 -40.59
CA LYS C 58 9.55 -23.16 -41.24
C LYS C 58 8.89 -24.10 -40.26
N LEU C 59 7.84 -24.79 -40.70
CA LEU C 59 7.18 -25.78 -39.85
C LEU C 59 7.91 -27.11 -39.97
N SER C 60 8.53 -27.54 -38.87
CA SER C 60 9.24 -28.81 -38.83
C SER C 60 8.26 -29.97 -38.88
N ARG C 61 8.54 -30.92 -39.78
CA ARG C 61 7.77 -32.18 -39.94
C ARG C 61 6.23 -31.91 -39.82
N PRO C 62 5.67 -31.16 -40.73
CA PRO C 62 4.24 -30.82 -40.56
C PRO C 62 3.31 -32.02 -40.60
N PHE C 63 3.63 -33.06 -41.37
CA PHE C 63 2.78 -34.23 -41.49
C PHE C 63 3.44 -35.47 -40.89
N GLN C 64 4.36 -35.27 -39.95
CA GLN C 64 4.93 -36.40 -39.24
C GLN C 64 3.87 -37.13 -38.43
N ASN C 65 2.96 -36.38 -37.84
CA ASN C 65 1.95 -36.91 -36.94
C ASN C 65 0.76 -35.95 -36.90
N GLN C 66 -0.23 -36.28 -36.06
CA GLN C 66 -1.39 -35.43 -35.88
C GLN C 66 -1.15 -34.25 -34.93
N THR C 67 -0.28 -34.39 -33.92
CA THR C 67 -0.08 -33.28 -32.98
C THR C 67 0.51 -32.06 -33.68
N HIS C 68 1.37 -32.27 -34.67
CA HIS C 68 1.87 -31.14 -35.45
C HIS C 68 0.78 -30.58 -36.35
N ALA C 69 0.16 -31.44 -37.15
CA ALA C 69 -0.79 -30.99 -38.17
C ALA C 69 -1.96 -30.24 -37.56
N LYS C 70 -2.51 -30.75 -36.45
CA LYS C 70 -3.61 -30.05 -35.78
C LYS C 70 -3.16 -28.66 -35.33
N ARG C 71 -1.99 -28.58 -34.69
CA ARG C 71 -1.46 -27.30 -34.26
C ARG C 71 -1.03 -26.43 -35.44
N ALA C 72 -0.47 -27.05 -36.48
CA ALA C 72 -0.08 -26.29 -37.67
C ALA C 72 -1.32 -25.70 -38.34
N TYR C 73 -2.36 -26.52 -38.48
CA TYR C 73 -3.64 -26.00 -38.96
C TYR C 73 -4.20 -24.95 -38.01
N ARG C 74 -4.08 -25.18 -36.69
CA ARG C 74 -4.59 -24.23 -35.71
C ARG C 74 -4.09 -22.79 -35.99
N GLU C 75 -2.77 -22.59 -36.12
CA GLU C 75 -2.23 -21.23 -36.21
C GLU C 75 -2.55 -20.53 -37.52
N LEU C 76 -2.68 -21.24 -38.64
CA LEU C 76 -2.85 -20.56 -39.94
C LEU C 76 -4.16 -19.79 -40.01
N VAL C 77 -5.28 -20.47 -39.77
CA VAL C 77 -6.58 -19.80 -39.92
C VAL C 77 -6.74 -18.72 -38.86
N LEU C 78 -6.24 -18.96 -37.65
CA LEU C 78 -6.37 -17.96 -36.60
C LEU C 78 -5.48 -16.76 -36.90
N MET C 79 -4.32 -17.00 -37.51
CA MET C 79 -3.44 -15.93 -37.97
C MET C 79 -3.89 -15.32 -39.29
N LYS C 80 -4.66 -16.06 -40.10
CA LYS C 80 -5.12 -15.51 -41.37
C LYS C 80 -6.14 -14.39 -41.17
N CYS C 81 -6.91 -14.45 -40.09
CA CYS C 81 -7.89 -13.42 -39.75
C CYS C 81 -7.48 -12.70 -38.48
N VAL C 82 -6.23 -12.90 -38.07
CA VAL C 82 -5.61 -12.15 -36.99
C VAL C 82 -5.79 -10.67 -37.25
N ASN C 83 -6.28 -9.94 -36.25
CA ASN C 83 -6.59 -8.52 -36.42
C ASN C 83 -6.57 -7.75 -35.11
N HIS C 84 -5.38 -7.42 -34.59
CA HIS C 84 -5.28 -6.66 -33.35
C HIS C 84 -3.89 -6.05 -33.25
N LYS C 85 -3.79 -4.96 -32.49
CA LYS C 85 -2.51 -4.29 -32.28
C LYS C 85 -1.52 -5.18 -31.54
N ASN C 86 -2.00 -6.02 -30.63
CA ASN C 86 -1.15 -6.79 -29.72
C ASN C 86 -0.97 -8.24 -30.15
N ILE C 87 -1.37 -8.61 -31.37
CA ILE C 87 -1.20 -9.95 -31.90
C ILE C 87 -0.20 -9.92 -33.05
N ILE C 88 0.70 -10.92 -33.08
CA ILE C 88 1.60 -11.00 -34.21
C ILE C 88 0.80 -11.30 -35.48
N GLY C 89 1.27 -10.79 -36.60
CA GLY C 89 0.51 -10.92 -37.84
C GLY C 89 1.18 -11.76 -38.92
N LEU C 90 0.35 -12.20 -39.87
CA LEU C 90 0.81 -12.98 -41.02
C LEU C 90 0.79 -12.10 -42.26
N LEU C 91 1.91 -12.08 -42.99
CA LEU C 91 2.03 -11.29 -44.21
C LEU C 91 1.76 -12.12 -45.47
N ASN C 92 2.47 -13.24 -45.65
CA ASN C 92 2.32 -14.05 -46.84
C ASN C 92 2.37 -15.52 -46.47
N VAL C 93 1.75 -16.33 -47.32
CA VAL C 93 1.67 -17.77 -47.15
C VAL C 93 2.32 -18.43 -48.36
N PHE C 94 3.23 -19.38 -48.11
CA PHE C 94 3.88 -20.02 -49.23
C PHE C 94 4.63 -21.26 -48.79
N THR C 95 4.80 -22.18 -49.73
CA THR C 95 5.61 -23.37 -49.59
C THR C 95 6.35 -23.58 -50.90
N PRO C 96 7.60 -24.05 -50.85
CA PRO C 96 8.33 -24.27 -52.11
C PRO C 96 7.71 -25.39 -52.92
N GLN C 97 7.26 -26.45 -52.27
CA GLN C 97 6.59 -27.53 -52.97
C GLN C 97 5.28 -27.04 -53.57
N LYS C 98 5.06 -27.34 -54.85
CA LYS C 98 3.89 -26.84 -55.55
C LYS C 98 2.77 -27.86 -55.69
N SER C 99 3.05 -29.15 -55.54
CA SER C 99 2.04 -30.19 -55.69
C SER C 99 1.85 -30.94 -54.38
N LEU C 100 0.63 -31.43 -54.18
CA LEU C 100 0.35 -32.24 -52.99
C LEU C 100 1.22 -33.50 -52.98
N GLU C 101 1.54 -34.01 -54.16
CA GLU C 101 2.43 -35.18 -54.27
C GLU C 101 3.77 -34.88 -53.60
N GLU C 102 4.34 -33.69 -53.83
CA GLU C 102 5.62 -33.31 -53.23
C GLU C 102 5.49 -32.31 -52.10
N PHE C 103 4.26 -31.94 -51.71
CA PHE C 103 4.05 -31.04 -50.60
C PHE C 103 4.43 -31.70 -49.28
N GLN C 104 5.40 -31.13 -48.58
CA GLN C 104 5.80 -31.69 -47.30
C GLN C 104 6.06 -30.65 -46.20
N ASP C 105 6.57 -29.46 -46.52
CA ASP C 105 6.82 -28.42 -45.53
C ASP C 105 6.23 -27.09 -46.00
N VAL C 106 6.13 -26.15 -45.06
CA VAL C 106 5.50 -24.85 -45.30
C VAL C 106 6.32 -23.76 -44.61
N TYR C 107 6.41 -22.59 -45.25
CA TYR C 107 7.08 -21.42 -44.71
C TYR C 107 6.09 -20.27 -44.55
N ILE C 108 6.22 -19.52 -43.46
CA ILE C 108 5.30 -18.43 -43.15
C ILE C 108 6.11 -17.23 -42.65
N VAL C 109 5.83 -16.06 -43.22
CA VAL C 109 6.52 -14.81 -42.86
C VAL C 109 5.67 -14.03 -41.87
N MET C 110 6.35 -13.19 -41.09
CA MET C 110 5.62 -12.36 -40.10
C MET C 110 6.43 -11.10 -39.76
N GLU C 111 5.79 -10.16 -39.07
CA GLU C 111 6.44 -8.89 -38.72
C GLU C 111 7.60 -9.18 -37.77
N LEU C 112 8.77 -8.61 -38.00
CA LEU C 112 9.96 -8.82 -37.15
C LEU C 112 9.94 -7.78 -36.04
N MET C 113 10.32 -8.20 -34.84
CA MET C 113 10.38 -7.30 -33.65
C MET C 113 11.77 -7.41 -33.05
N ASP C 114 12.18 -6.40 -32.29
CA ASP C 114 13.57 -6.33 -31.80
C ASP C 114 13.96 -7.49 -30.89
N ALA C 115 13.09 -7.91 -29.98
CA ALA C 115 13.53 -8.83 -28.93
C ALA C 115 12.34 -9.53 -28.29
N ASN C 116 12.65 -10.56 -27.51
CA ASN C 116 11.69 -11.28 -26.68
C ASN C 116 11.46 -10.59 -25.36
N LEU C 117 10.40 -10.98 -24.66
CA LEU C 117 10.15 -10.39 -23.34
C LEU C 117 11.12 -10.93 -22.30
N CYS C 118 11.71 -12.10 -22.58
CA CYS C 118 12.66 -12.70 -21.65
C CYS C 118 13.88 -11.77 -21.45
N GLN C 119 14.49 -11.33 -22.53
CA GLN C 119 15.65 -10.45 -22.43
C GLN C 119 15.30 -9.02 -22.02
N VAL C 120 14.18 -8.47 -22.47
CA VAL C 120 13.91 -7.06 -22.18
C VAL C 120 13.66 -6.83 -20.71
N ILE C 121 12.97 -7.77 -20.04
CA ILE C 121 12.71 -7.60 -18.62
C ILE C 121 13.99 -7.72 -17.81
N GLN C 122 14.99 -8.37 -18.41
CA GLN C 122 16.29 -8.47 -17.71
C GLN C 122 16.86 -7.05 -17.60
N MET C 123 16.60 -6.23 -18.61
CA MET C 123 17.02 -4.84 -18.56
C MET C 123 16.19 -4.11 -17.51
N GLU C 124 16.85 -3.29 -16.70
CA GLU C 124 16.14 -2.53 -15.68
C GLU C 124 15.16 -1.56 -16.33
N LEU C 125 13.92 -1.58 -15.84
CA LEU C 125 12.84 -0.76 -16.39
C LEU C 125 12.29 0.20 -15.34
N ASP C 126 11.14 0.80 -15.66
CA ASP C 126 10.44 1.74 -14.81
C ASP C 126 8.95 1.41 -14.80
N HIS C 127 8.21 2.07 -13.90
CA HIS C 127 6.79 1.78 -13.74
C HIS C 127 6.01 2.04 -15.02
N GLU C 128 6.23 3.21 -15.64
CA GLU C 128 5.47 3.60 -16.82
C GLU C 128 5.65 2.61 -17.96
N ARG C 129 6.87 2.14 -18.19
CA ARG C 129 7.12 1.23 -19.30
C ARG C 129 6.50 -0.14 -19.03
N MET C 130 6.63 -0.65 -17.81
CA MET C 130 6.10 -1.96 -17.48
C MET C 130 4.57 -2.00 -17.59
N SER C 131 3.90 -0.95 -17.11
CA SER C 131 2.44 -0.88 -17.18
C SER C 131 1.94 -1.01 -18.60
N TYR C 132 2.56 -0.30 -19.54
CA TYR C 132 2.08 -0.35 -20.92
C TYR C 132 2.17 -1.77 -21.48
N LEU C 133 3.24 -2.49 -21.14
CA LEU C 133 3.38 -3.87 -21.59
C LEU C 133 2.23 -4.73 -21.06
N LEU C 134 1.92 -4.60 -19.77
CA LEU C 134 0.86 -5.43 -19.19
C LEU C 134 -0.52 -5.05 -19.70
N TYR C 135 -0.73 -3.76 -19.98
CA TYR C 135 -1.98 -3.37 -20.64
C TYR C 135 -2.11 -4.08 -21.98
N GLN C 136 -1.03 -4.09 -22.77
CA GLN C 136 -1.09 -4.70 -24.09
C GLN C 136 -1.29 -6.21 -24.02
N MET C 137 -0.57 -6.91 -23.14
CA MET C 137 -0.73 -8.35 -23.05
C MET C 137 -2.14 -8.72 -22.60
N LEU C 138 -2.68 -7.99 -21.62
CA LEU C 138 -4.05 -8.24 -21.19
C LEU C 138 -5.04 -7.94 -22.31
N CYS C 139 -4.76 -6.91 -23.12
CA CYS C 139 -5.64 -6.62 -24.25
C CYS C 139 -5.44 -7.58 -25.41
N GLY C 140 -4.26 -8.22 -25.49
CA GLY C 140 -4.09 -9.30 -26.45
C GLY C 140 -4.88 -10.54 -26.07
N ILE C 141 -4.82 -10.94 -24.81
CA ILE C 141 -5.52 -12.14 -24.36
C ILE C 141 -7.03 -11.91 -24.27
N LYS C 142 -7.46 -10.70 -23.90
CA LYS C 142 -8.90 -10.43 -23.86
C LYS C 142 -9.52 -10.55 -25.24
N HIS C 143 -8.80 -10.11 -26.29
CA HIS C 143 -9.30 -10.28 -27.65
C HIS C 143 -9.36 -11.76 -28.00
N LEU C 144 -8.40 -12.55 -27.51
CA LEU C 144 -8.43 -13.99 -27.72
C LEU C 144 -9.54 -14.63 -26.88
N HIS C 145 -9.71 -14.17 -25.64
CA HIS C 145 -10.78 -14.71 -24.80
C HIS C 145 -12.14 -14.40 -25.40
N SER C 146 -12.28 -13.22 -26.01
CA SER C 146 -13.51 -12.89 -26.72
C SER C 146 -13.71 -13.80 -27.92
N ALA C 147 -12.61 -14.23 -28.53
CA ALA C 147 -12.68 -15.25 -29.56
C ALA C 147 -12.91 -16.63 -28.98
N GLY C 148 -12.77 -16.77 -27.66
CA GLY C 148 -12.95 -18.04 -27.00
C GLY C 148 -11.72 -18.90 -26.92
N ILE C 149 -10.54 -18.29 -26.95
CA ILE C 149 -9.27 -19.01 -26.96
C ILE C 149 -8.46 -18.59 -25.76
N ILE C 150 -8.15 -19.53 -24.89
CA ILE C 150 -7.32 -19.29 -23.71
C ILE C 150 -5.95 -19.90 -23.95
N HIS C 151 -4.91 -19.08 -23.84
CA HIS C 151 -3.56 -19.51 -24.17
C HIS C 151 -3.08 -20.63 -23.23
N ARG C 152 -3.04 -20.33 -21.93
CA ARG C 152 -2.68 -21.28 -20.88
C ARG C 152 -1.20 -21.64 -20.85
N ASP C 153 -0.43 -21.19 -21.84
CA ASP C 153 1.01 -21.45 -21.86
C ASP C 153 1.82 -20.17 -22.04
N LEU C 154 1.27 -19.04 -21.62
CA LEU C 154 1.98 -17.77 -21.80
C LEU C 154 3.29 -17.79 -21.03
N LYS C 155 4.37 -17.39 -21.72
CA LYS C 155 5.72 -17.47 -21.19
C LYS C 155 6.54 -16.36 -21.84
N PRO C 156 7.66 -15.97 -21.21
CA PRO C 156 8.47 -14.90 -21.81
C PRO C 156 8.99 -15.25 -23.19
N SER C 157 9.17 -16.52 -23.50
CA SER C 157 9.72 -16.93 -24.79
C SER C 157 8.69 -16.90 -25.93
N ASN C 158 7.41 -16.80 -25.64
CA ASN C 158 6.41 -16.70 -26.71
C ASN C 158 5.90 -15.27 -26.91
N ILE C 159 6.49 -14.30 -26.23
CA ILE C 159 6.04 -12.92 -26.27
C ILE C 159 7.19 -12.06 -26.77
N VAL C 160 6.87 -11.20 -27.75
CA VAL C 160 7.89 -10.37 -28.42
C VAL C 160 7.63 -8.90 -28.15
N VAL C 161 8.69 -8.11 -28.09
CA VAL C 161 8.58 -6.68 -27.85
C VAL C 161 9.47 -5.93 -28.83
N LYS C 162 9.12 -4.66 -29.04
CA LYS C 162 9.90 -3.73 -29.84
C LYS C 162 10.40 -2.62 -28.92
N SER C 163 11.35 -1.82 -29.44
CA SER C 163 11.94 -0.80 -28.57
C SER C 163 11.09 0.45 -28.48
N ASP C 164 10.02 0.54 -29.24
CA ASP C 164 8.97 1.50 -28.95
C ASP C 164 7.94 0.89 -28.01
N CYS C 165 8.29 -0.26 -27.42
CA CYS C 165 7.49 -0.95 -26.43
C CYS C 165 6.09 -1.30 -26.94
N THR C 166 5.98 -1.56 -28.24
CA THR C 166 4.78 -2.18 -28.79
C THR C 166 4.87 -3.69 -28.55
N LEU C 167 3.86 -4.24 -27.88
CA LEU C 167 3.89 -5.63 -27.45
C LEU C 167 2.96 -6.47 -28.30
N LYS C 168 3.43 -7.66 -28.69
CA LYS C 168 2.62 -8.59 -29.47
C LYS C 168 2.85 -10.02 -29.00
N ILE C 169 1.79 -10.82 -29.09
CA ILE C 169 1.76 -12.23 -28.69
C ILE C 169 1.86 -13.08 -29.95
N LEU C 170 2.60 -14.18 -29.93
CA LEU C 170 2.76 -14.91 -31.21
C LEU C 170 1.83 -16.11 -31.26
N ASP C 171 1.71 -16.87 -30.15
CA ASP C 171 1.02 -18.14 -30.25
C ASP C 171 -0.28 -18.13 -29.47
N PHE C 172 -1.12 -19.11 -29.80
CA PHE C 172 -2.46 -19.24 -29.24
C PHE C 172 -2.61 -20.38 -28.24
N GLY C 173 -1.54 -21.10 -27.91
CA GLY C 173 -1.66 -22.24 -27.02
C GLY C 173 -2.54 -23.33 -27.62
N LEU C 174 -3.36 -23.98 -26.78
CA LEU C 174 -4.27 -25.03 -27.23
C LEU C 174 -5.74 -24.63 -27.13
N ALA C 175 -6.03 -23.39 -26.73
CA ALA C 175 -7.38 -22.80 -26.81
C ALA C 175 -8.33 -23.52 -25.86
N ARG C 176 -9.44 -24.10 -26.35
CA ARG C 176 -10.49 -24.63 -25.47
C ARG C 176 -10.73 -26.13 -25.62
N THR C 177 -9.92 -26.85 -26.40
CA THR C 177 -10.14 -28.29 -26.58
C THR C 177 -9.44 -29.17 -25.56
N ALA C 178 -8.27 -28.78 -25.07
CA ALA C 178 -7.48 -29.64 -24.19
C ALA C 178 -7.86 -29.46 -22.73
N GLY C 179 -7.67 -30.51 -21.95
CA GLY C 179 -8.02 -30.51 -20.54
C GLY C 179 -6.80 -30.72 -19.66
N THR C 180 -6.74 -29.95 -18.56
CA THR C 180 -5.69 -30.04 -17.55
C THR C 180 -4.33 -29.90 -18.25
N SER C 181 -3.34 -30.71 -17.91
CA SER C 181 -2.01 -30.53 -18.48
C SER C 181 -1.88 -31.20 -19.84
N PHE C 182 -1.19 -30.54 -20.74
CA PHE C 182 -0.97 -31.03 -22.10
C PHE C 182 0.52 -31.03 -22.36
N MET C 183 1.10 -32.22 -22.47
CA MET C 183 2.52 -32.39 -22.67
C MET C 183 2.76 -32.90 -24.09
N MET C 184 4.03 -32.98 -24.48
CA MET C 184 4.35 -33.38 -25.85
C MET C 184 5.82 -33.75 -26.00
N VAL C 188 7.38 -26.94 -24.11
CA VAL C 188 6.50 -27.70 -23.17
C VAL C 188 7.28 -27.96 -21.88
N VAL C 189 8.52 -27.51 -21.79
CA VAL C 189 9.35 -27.66 -20.56
C VAL C 189 9.13 -26.45 -19.65
N THR C 190 8.35 -25.47 -20.12
CA THR C 190 8.06 -24.25 -19.34
C THR C 190 6.82 -24.51 -18.51
N ARG C 191 6.99 -24.56 -17.19
CA ARG C 191 5.84 -24.79 -16.28
C ARG C 191 5.94 -23.79 -15.14
N TYR C 192 7.07 -23.08 -15.06
CA TYR C 192 7.25 -22.11 -13.98
C TYR C 192 6.09 -21.15 -13.91
N TYR C 193 5.47 -20.84 -15.04
CA TYR C 193 4.37 -19.91 -15.07
C TYR C 193 3.02 -20.59 -15.18
N ARG C 194 2.97 -21.92 -15.05
CA ARG C 194 1.70 -22.60 -15.27
C ARG C 194 0.84 -22.46 -14.03
N ALA C 195 -0.45 -22.39 -14.26
CA ALA C 195 -1.38 -22.01 -13.21
C ALA C 195 -1.63 -23.19 -12.28
N PRO C 196 -2.16 -22.93 -11.09
CA PRO C 196 -2.59 -24.05 -10.23
C PRO C 196 -3.73 -24.86 -10.83
N GLU C 197 -4.59 -24.25 -11.63
CA GLU C 197 -5.74 -24.97 -12.18
C GLU C 197 -5.30 -26.09 -13.10
N VAL C 198 -4.36 -25.81 -13.99
CA VAL C 198 -3.83 -26.84 -14.87
C VAL C 198 -3.06 -27.89 -14.06
N ILE C 199 -2.30 -27.44 -13.05
CA ILE C 199 -1.37 -28.33 -12.35
C ILE C 199 -2.12 -29.37 -11.51
N LEU C 200 -3.26 -29.01 -10.93
CA LEU C 200 -4.03 -29.93 -10.10
C LEU C 200 -5.27 -30.47 -10.80
N GLY C 201 -5.46 -30.17 -12.08
CA GLY C 201 -6.55 -30.74 -12.87
C GLY C 201 -7.96 -30.43 -12.42
N MET C 202 -8.21 -29.20 -11.99
CA MET C 202 -9.54 -28.77 -11.55
C MET C 202 -10.38 -28.20 -12.68
N GLY C 203 -9.86 -28.19 -13.90
CA GLY C 203 -10.49 -27.45 -14.98
C GLY C 203 -9.92 -26.04 -15.08
N TYR C 204 -10.23 -25.40 -16.21
CA TYR C 204 -9.70 -24.07 -16.49
C TYR C 204 -10.86 -23.14 -16.81
N LYS C 205 -10.71 -21.88 -16.41
CA LYS C 205 -11.69 -20.84 -16.72
C LYS C 205 -11.02 -19.68 -17.45
N GLU C 206 -11.61 -18.49 -17.41
CA GLU C 206 -11.00 -17.36 -18.10
C GLU C 206 -9.80 -16.78 -17.34
N ASN C 207 -9.71 -17.05 -16.04
CA ASN C 207 -8.66 -16.51 -15.19
C ASN C 207 -7.41 -17.37 -15.14
N VAL C 208 -7.39 -18.49 -15.87
CA VAL C 208 -6.17 -19.29 -15.96
C VAL C 208 -4.98 -18.45 -16.43
N ASP C 209 -5.17 -17.69 -17.51
CA ASP C 209 -4.06 -16.91 -18.06
C ASP C 209 -3.61 -15.81 -17.11
N ILE C 210 -4.51 -15.34 -16.25
CA ILE C 210 -4.19 -14.29 -15.29
C ILE C 210 -3.08 -14.72 -14.33
N TRP C 211 -3.04 -16.00 -13.97
CA TRP C 211 -2.02 -16.45 -13.02
C TRP C 211 -0.61 -16.19 -13.54
N SER C 212 -0.36 -16.54 -14.80
CA SER C 212 1.02 -16.53 -15.29
C SER C 212 1.49 -15.12 -15.64
N VAL C 213 0.58 -14.23 -16.04
CA VAL C 213 0.99 -12.85 -16.23
C VAL C 213 1.39 -12.24 -14.89
N GLY C 214 0.82 -12.73 -13.79
CA GLY C 214 1.28 -12.33 -12.47
C GLY C 214 2.67 -12.84 -12.18
N CYS C 215 2.95 -14.10 -12.56
CA CYS C 215 4.29 -14.65 -12.40
C CYS C 215 5.26 -13.99 -13.37
N ILE C 216 4.81 -13.70 -14.59
CA ILE C 216 5.63 -12.96 -15.53
C ILE C 216 5.93 -11.56 -15.00
N MET C 217 4.91 -10.90 -14.45
CA MET C 217 5.11 -9.59 -13.84
C MET C 217 6.03 -9.69 -12.62
N GLY C 218 5.83 -10.72 -11.79
CA GLY C 218 6.69 -10.90 -10.63
C GLY C 218 8.14 -11.07 -11.02
N GLU C 219 8.39 -11.56 -12.23
CA GLU C 219 9.78 -11.76 -12.72
C GLU C 219 10.39 -10.39 -12.97
N MET C 220 9.57 -9.41 -13.38
CA MET C 220 10.07 -8.06 -13.59
C MET C 220 10.69 -7.49 -12.31
N ILE C 221 9.98 -7.64 -11.19
CA ILE C 221 10.37 -6.90 -9.99
C ILE C 221 11.70 -7.41 -9.44
N LYS C 222 11.87 -8.73 -9.32
CA LYS C 222 13.11 -9.22 -8.74
C LYS C 222 14.20 -9.49 -9.78
N GLY C 223 13.81 -9.80 -11.02
CA GLY C 223 14.78 -10.12 -12.02
C GLY C 223 15.10 -11.60 -12.19
N GLY C 224 14.48 -12.47 -11.39
CA GLY C 224 14.65 -13.91 -11.55
C GLY C 224 13.30 -14.60 -11.50
N VAL C 225 13.30 -15.86 -11.93
CA VAL C 225 12.06 -16.62 -11.95
C VAL C 225 11.57 -16.79 -10.51
N LEU C 226 10.35 -16.33 -10.25
CA LEU C 226 9.82 -16.36 -8.88
C LEU C 226 9.59 -17.78 -8.39
N PHE C 227 9.01 -18.64 -9.23
CA PHE C 227 8.70 -20.03 -8.87
C PHE C 227 9.49 -20.97 -9.77
N PRO C 228 10.76 -21.25 -9.44
CA PRO C 228 11.51 -22.25 -10.22
C PRO C 228 11.46 -23.64 -9.61
N GLY C 229 10.69 -24.54 -10.21
CA GLY C 229 10.65 -25.92 -9.77
C GLY C 229 11.23 -26.83 -10.83
N THR C 230 12.29 -27.55 -10.52
CA THR C 230 12.89 -28.42 -11.54
C THR C 230 12.01 -29.61 -11.86
N ASP C 231 11.24 -30.09 -10.89
CA ASP C 231 10.34 -31.19 -11.16
C ASP C 231 8.93 -30.62 -11.33
N HIS C 232 7.97 -31.49 -11.61
CA HIS C 232 6.61 -31.04 -11.91
C HIS C 232 5.97 -30.35 -10.71
N ILE C 233 6.11 -30.95 -9.51
CA ILE C 233 5.35 -30.50 -8.34
C ILE C 233 6.15 -29.60 -7.40
N ASP C 234 7.48 -29.58 -7.49
CA ASP C 234 8.26 -28.62 -6.72
C ASP C 234 7.79 -27.21 -7.01
N GLN C 235 7.41 -26.95 -8.27
CA GLN C 235 6.74 -25.71 -8.63
C GLN C 235 5.55 -25.42 -7.71
N TRP C 236 4.67 -26.41 -7.53
CA TRP C 236 3.53 -26.24 -6.65
C TRP C 236 3.98 -25.99 -5.21
N ASN C 237 4.98 -26.74 -4.75
CA ASN C 237 5.52 -26.48 -3.42
C ASN C 237 6.09 -25.07 -3.33
N LYS C 238 6.74 -24.60 -4.40
CA LYS C 238 7.41 -23.31 -4.37
C LYS C 238 6.43 -22.14 -4.28
N VAL C 239 5.31 -22.21 -5.00
CA VAL C 239 4.39 -21.07 -5.01
C VAL C 239 3.86 -20.80 -3.61
N ILE C 240 3.34 -21.86 -2.95
CA ILE C 240 2.74 -21.76 -1.62
C ILE C 240 3.80 -21.85 -0.54
N GLU C 241 5.04 -22.17 -0.90
CA GLU C 241 6.17 -21.97 0.01
C GLU C 241 6.30 -20.51 0.39
N GLN C 242 6.05 -19.64 -0.58
CA GLN C 242 6.03 -18.20 -0.39
C GLN C 242 4.62 -17.64 -0.23
N LEU C 243 3.63 -18.19 -0.95
CA LEU C 243 2.29 -17.62 -0.92
C LEU C 243 1.43 -18.17 0.23
N GLY C 244 1.76 -19.33 0.78
CA GLY C 244 1.08 -19.89 1.93
C GLY C 244 0.03 -20.90 1.55
N THR C 245 -0.17 -21.88 2.44
CA THR C 245 -0.94 -23.06 2.12
C THR C 245 -2.35 -22.66 1.70
N PRO C 246 -2.90 -23.29 0.66
CA PRO C 246 -4.20 -22.86 0.13
C PRO C 246 -5.30 -22.96 1.17
N CYS C 247 -6.38 -22.23 0.90
CA CYS C 247 -7.48 -22.19 1.85
C CYS C 247 -8.14 -23.56 1.95
N PRO C 248 -8.61 -23.94 3.14
CA PRO C 248 -9.21 -25.27 3.29
C PRO C 248 -10.48 -25.45 2.45
N GLU C 249 -11.27 -24.38 2.29
CA GLU C 249 -12.48 -24.47 1.47
C GLU C 249 -12.14 -24.79 0.03
N PHE C 250 -10.95 -24.36 -0.42
CA PHE C 250 -10.50 -24.63 -1.77
C PHE C 250 -10.33 -26.12 -2.01
N MET C 251 -9.96 -26.88 -0.97
CA MET C 251 -9.71 -28.31 -1.11
C MET C 251 -10.97 -29.08 -1.48
N LYS C 252 -12.16 -28.48 -1.32
CA LYS C 252 -13.39 -29.19 -1.63
C LYS C 252 -13.44 -29.59 -3.09
N LYS C 253 -12.98 -28.71 -3.99
CA LYS C 253 -13.00 -29.01 -5.41
C LYS C 253 -11.91 -29.98 -5.83
N LEU C 254 -10.90 -30.19 -4.99
CA LEU C 254 -9.80 -31.06 -5.37
C LEU C 254 -10.26 -32.52 -5.38
N GLN C 255 -9.70 -33.31 -6.30
CA GLN C 255 -9.98 -34.73 -6.36
C GLN C 255 -9.30 -35.44 -5.19
N PRO C 256 -9.93 -36.50 -4.65
CA PRO C 256 -9.38 -37.13 -3.43
C PRO C 256 -7.96 -37.64 -3.60
N THR C 257 -7.60 -38.16 -4.78
CA THR C 257 -6.25 -38.71 -4.98
C THR C 257 -5.17 -37.63 -4.86
N VAL C 258 -5.43 -36.42 -5.37
CA VAL C 258 -4.45 -35.34 -5.23
C VAL C 258 -4.74 -34.53 -3.98
N ARG C 259 -5.92 -34.71 -3.40
CA ARG C 259 -6.17 -34.31 -2.02
C ARG C 259 -5.14 -34.95 -1.07
N THR C 260 -4.85 -36.24 -1.25
CA THR C 260 -3.88 -36.93 -0.42
C THR C 260 -2.59 -36.12 -0.22
N TYR C 261 -1.89 -35.84 -1.30
CA TYR C 261 -0.54 -35.20 -1.16
C TYR C 261 -0.60 -33.84 -0.48
N VAL C 262 -1.45 -32.94 -0.98
CA VAL C 262 -1.42 -31.57 -0.40
C VAL C 262 -1.53 -31.69 1.11
N GLU C 263 -2.56 -32.36 1.61
CA GLU C 263 -2.74 -32.38 3.08
C GLU C 263 -1.49 -32.99 3.68
N ASN C 264 -0.94 -34.03 3.04
CA ASN C 264 0.27 -34.70 3.58
C ASN C 264 1.41 -33.69 3.58
N ARG C 265 1.53 -32.93 2.50
CA ARG C 265 2.64 -31.98 2.40
C ARG C 265 2.68 -31.05 3.61
N PRO C 266 3.88 -30.58 3.99
CA PRO C 266 4.01 -29.70 5.15
C PRO C 266 3.24 -28.40 4.93
N LYS C 267 2.89 -27.76 6.04
CA LYS C 267 2.09 -26.54 6.02
C LYS C 267 2.97 -25.30 5.99
N TYR C 268 2.68 -24.41 5.03
CA TYR C 268 3.36 -23.13 4.93
C TYR C 268 2.36 -22.00 5.08
N ALA C 269 2.65 -21.06 5.99
CA ALA C 269 1.79 -19.90 6.18
C ALA C 269 1.91 -18.92 5.01
N GLY C 270 3.12 -18.77 4.49
CA GLY C 270 3.41 -17.87 3.38
C GLY C 270 3.99 -16.55 3.84
N TYR C 271 4.44 -15.78 2.85
CA TYR C 271 5.03 -14.46 3.05
C TYR C 271 4.08 -13.40 2.51
N SER C 272 4.03 -12.25 3.19
CA SER C 272 3.24 -11.16 2.66
C SER C 272 4.06 -10.40 1.63
N PHE C 273 3.34 -9.84 0.65
CA PHE C 273 3.96 -9.32 -0.57
C PHE C 273 4.92 -8.15 -0.35
N GLU C 274 4.83 -7.48 0.80
CA GLU C 274 5.67 -6.30 1.01
C GLU C 274 7.15 -6.65 0.97
N LYS C 275 7.56 -7.76 1.58
CA LYS C 275 8.94 -8.24 1.44
C LYS C 275 9.08 -9.36 0.43
N LEU C 276 7.99 -10.07 0.11
CA LEU C 276 8.03 -11.01 -1.01
C LEU C 276 8.35 -10.27 -2.30
N PHE C 277 7.74 -9.09 -2.48
CA PHE C 277 8.06 -8.16 -3.56
C PHE C 277 8.51 -6.89 -2.85
N PRO C 278 9.76 -6.82 -2.42
CA PRO C 278 10.22 -5.70 -1.59
C PRO C 278 10.42 -4.42 -2.37
N ASP C 279 10.39 -3.31 -1.63
CA ASP C 279 10.57 -2.00 -2.25
C ASP C 279 12.01 -1.77 -2.67
N VAL C 280 12.94 -2.59 -2.18
CA VAL C 280 14.34 -2.45 -2.61
C VAL C 280 14.45 -2.76 -4.11
N LEU C 281 13.72 -3.78 -4.57
CA LEU C 281 13.70 -4.07 -5.99
C LEU C 281 12.92 -3.00 -6.76
N PHE C 282 11.96 -2.36 -6.09
CA PHE C 282 11.24 -1.25 -6.68
C PHE C 282 12.13 -0.03 -6.75
N PRO C 283 11.78 0.95 -7.58
CA PRO C 283 12.46 2.25 -7.55
C PRO C 283 12.19 2.98 -6.25
N ALA C 284 13.12 3.84 -5.86
CA ALA C 284 13.08 4.47 -4.55
C ALA C 284 13.21 5.98 -4.65
N ASP C 285 12.73 6.66 -3.60
CA ASP C 285 12.85 8.11 -3.39
C ASP C 285 11.82 8.96 -4.13
N SER C 286 10.84 8.36 -4.81
CA SER C 286 9.74 9.13 -5.36
C SER C 286 8.43 8.71 -4.70
N GLU C 287 7.54 9.69 -4.48
CA GLU C 287 6.20 9.32 -3.97
C GLU C 287 5.59 8.44 -5.06
N HIS C 288 5.95 8.72 -6.30
CA HIS C 288 5.40 7.96 -7.44
C HIS C 288 5.82 6.49 -7.31
N ASN C 289 7.12 6.25 -7.16
CA ASN C 289 7.57 4.85 -7.14
C ASN C 289 6.86 4.16 -5.97
N LYS C 290 6.76 4.85 -4.84
CA LYS C 290 6.11 4.25 -3.64
C LYS C 290 4.64 3.96 -3.94
N LEU C 291 3.88 4.94 -4.42
CA LEU C 291 2.45 4.74 -4.75
C LEU C 291 2.36 3.63 -5.80
N LYS C 292 3.23 3.67 -6.79
CA LYS C 292 3.19 2.67 -7.88
C LYS C 292 3.36 1.29 -7.24
N ALA C 293 4.34 1.16 -6.35
CA ALA C 293 4.61 -0.15 -5.74
C ALA C 293 3.33 -0.64 -5.08
N SER C 294 2.61 0.27 -4.41
CA SER C 294 1.39 -0.17 -3.70
C SER C 294 0.51 -0.91 -4.69
N GLN C 295 0.10 -0.25 -5.76
CA GLN C 295 -0.86 -0.89 -6.71
C GLN C 295 -0.26 -2.18 -7.24
N ALA C 296 1.00 -2.16 -7.63
CA ALA C 296 1.61 -3.37 -8.23
C ALA C 296 1.43 -4.53 -7.27
N ARG C 297 1.87 -4.38 -6.02
CA ARG C 297 1.82 -5.50 -5.04
C ARG C 297 0.36 -5.86 -4.75
N ASP C 298 -0.47 -4.87 -4.47
CA ASP C 298 -1.87 -5.16 -4.07
C ASP C 298 -2.63 -5.83 -5.21
N LEU C 299 -2.29 -5.53 -6.46
CA LEU C 299 -2.98 -6.26 -7.56
C LEU C 299 -2.20 -7.53 -7.90
N LEU C 300 -0.87 -7.50 -7.78
CA LEU C 300 -0.11 -8.75 -7.98
C LEU C 300 -0.79 -9.76 -7.06
N SER C 301 -1.22 -9.29 -5.89
CA SER C 301 -1.96 -10.16 -4.97
C SER C 301 -3.26 -10.59 -5.65
N LYS C 302 -4.13 -9.64 -5.99
CA LYS C 302 -5.45 -10.01 -6.56
C LYS C 302 -5.28 -10.88 -7.80
N MET C 303 -4.07 -10.95 -8.35
CA MET C 303 -3.85 -11.71 -9.60
C MET C 303 -3.23 -13.06 -9.26
N LEU C 304 -2.20 -13.05 -8.40
CA LEU C 304 -1.60 -14.33 -7.96
C LEU C 304 -2.39 -14.83 -6.75
N VAL C 305 -3.59 -15.36 -6.99
CA VAL C 305 -4.48 -15.84 -5.94
C VAL C 305 -4.57 -17.35 -6.02
N ILE C 306 -4.70 -17.97 -4.85
CA ILE C 306 -4.76 -19.43 -4.79
C ILE C 306 -6.01 -19.94 -5.52
N ASP C 307 -7.17 -19.38 -5.20
CA ASP C 307 -8.43 -19.85 -5.77
C ASP C 307 -8.62 -19.25 -7.16
N ALA C 308 -8.91 -20.11 -8.15
CA ALA C 308 -9.00 -19.65 -9.53
C ALA C 308 -10.10 -18.63 -9.71
N SER C 309 -11.27 -18.86 -9.10
CA SER C 309 -12.39 -17.95 -9.25
C SER C 309 -12.26 -16.73 -8.36
N LYS C 310 -11.49 -16.82 -7.28
CA LYS C 310 -11.17 -15.62 -6.52
C LYS C 310 -10.27 -14.68 -7.31
N ARG C 311 -9.82 -15.10 -8.50
CA ARG C 311 -9.07 -14.22 -9.37
C ARG C 311 -10.02 -13.20 -9.97
N ILE C 312 -9.60 -11.94 -9.96
CA ILE C 312 -10.38 -10.89 -10.60
C ILE C 312 -10.31 -11.07 -12.11
N SER C 313 -11.39 -10.72 -12.80
CA SER C 313 -11.43 -10.86 -14.25
C SER C 313 -10.45 -9.89 -14.91
N VAL C 314 -10.12 -10.19 -16.17
CA VAL C 314 -9.23 -9.31 -16.92
C VAL C 314 -9.88 -7.96 -17.18
N ASP C 315 -11.20 -7.94 -17.35
CA ASP C 315 -11.89 -6.67 -17.59
C ASP C 315 -11.73 -5.75 -16.39
N GLU C 316 -11.95 -6.27 -15.18
CA GLU C 316 -11.67 -5.48 -14.00
C GLU C 316 -10.18 -5.21 -13.84
N ALA C 317 -9.33 -6.17 -14.26
CA ALA C 317 -7.89 -5.96 -14.21
C ALA C 317 -7.46 -4.83 -15.14
N LEU C 318 -8.10 -4.73 -16.31
CA LEU C 318 -7.81 -3.63 -17.22
C LEU C 318 -8.21 -2.30 -16.61
N GLN C 319 -9.23 -2.28 -15.76
CA GLN C 319 -9.69 -1.07 -15.10
C GLN C 319 -8.95 -0.80 -13.79
N HIS C 320 -7.86 -1.52 -13.54
CA HIS C 320 -7.08 -1.29 -12.34
C HIS C 320 -6.35 0.05 -12.45
N PRO C 321 -6.22 0.80 -11.34
CA PRO C 321 -5.55 2.09 -11.39
C PRO C 321 -4.15 2.05 -11.98
N TYR C 322 -3.42 0.95 -11.78
CA TYR C 322 -2.07 0.84 -12.34
C TYR C 322 -2.08 0.76 -13.87
N ILE C 323 -3.14 0.19 -14.45
CA ILE C 323 -3.15 -0.09 -15.88
C ILE C 323 -4.14 0.78 -16.65
N ASN C 324 -5.23 1.24 -16.02
CA ASN C 324 -6.22 2.02 -16.74
C ASN C 324 -5.69 3.36 -17.23
N VAL C 325 -4.47 3.75 -16.84
CA VAL C 325 -3.89 5.00 -17.32
C VAL C 325 -3.69 4.97 -18.83
N TRP C 326 -3.48 3.80 -19.41
CA TRP C 326 -3.34 3.67 -20.86
C TRP C 326 -4.64 3.21 -21.52
N TYR C 327 -5.75 3.21 -20.79
CA TYR C 327 -6.99 2.69 -21.33
C TYR C 327 -7.50 3.60 -22.44
N ASP C 328 -7.63 3.06 -23.64
CA ASP C 328 -8.22 3.76 -24.76
C ASP C 328 -9.30 2.83 -25.29
N PRO C 329 -10.54 3.29 -25.45
CA PRO C 329 -11.64 2.36 -25.72
C PRO C 329 -11.50 1.57 -27.01
N SER C 330 -10.88 2.17 -28.02
CA SER C 330 -10.73 1.49 -29.34
C SER C 330 -9.67 0.39 -29.24
N GLU C 331 -8.64 0.62 -28.43
CA GLU C 331 -7.52 -0.36 -28.36
C GLU C 331 -7.97 -1.58 -27.54
N ALA C 332 -8.90 -1.37 -26.61
CA ALA C 332 -9.41 -2.47 -25.79
C ALA C 332 -10.73 -3.00 -26.35
N GLU C 333 -11.77 -2.16 -26.35
CA GLU C 333 -13.10 -2.57 -26.76
C GLU C 333 -13.19 -2.63 -28.30
N ALA C 334 -12.38 -3.50 -28.86
CA ALA C 334 -12.31 -3.77 -30.28
C ALA C 334 -13.36 -4.81 -30.65
N PRO C 335 -13.70 -4.95 -31.93
CA PRO C 335 -14.65 -5.99 -32.32
C PRO C 335 -14.00 -7.36 -32.29
N PRO C 336 -14.65 -8.35 -31.69
CA PRO C 336 -14.10 -9.71 -31.69
C PRO C 336 -14.13 -10.29 -33.09
N PRO C 337 -13.04 -10.91 -33.53
CA PRO C 337 -13.04 -11.47 -34.89
C PRO C 337 -13.89 -12.72 -34.98
N LYS C 338 -14.54 -12.90 -36.14
CA LYS C 338 -15.36 -14.11 -36.36
C LYS C 338 -14.80 -14.90 -37.56
N ILE C 339 -13.78 -15.73 -37.34
CA ILE C 339 -13.19 -16.58 -38.42
C ILE C 339 -14.31 -17.42 -39.05
N PRO C 340 -14.18 -17.95 -40.30
CA PRO C 340 -15.29 -18.62 -41.00
C PRO C 340 -16.01 -19.76 -40.24
N ASP C 341 -15.48 -20.22 -39.11
CA ASP C 341 -16.06 -21.36 -38.40
C ASP C 341 -16.36 -22.51 -39.37
N LYS C 342 -15.33 -22.92 -40.10
CA LYS C 342 -15.37 -24.09 -40.97
C LYS C 342 -14.21 -24.99 -40.57
N GLN C 343 -14.48 -26.29 -40.43
CA GLN C 343 -13.46 -27.26 -40.01
C GLN C 343 -12.68 -26.73 -38.80
N LEU C 344 -13.43 -26.53 -37.73
CA LEU C 344 -12.92 -25.86 -36.54
C LEU C 344 -11.94 -26.73 -35.74
N ASP C 345 -11.07 -26.05 -35.00
CA ASP C 345 -9.96 -26.66 -34.25
C ASP C 345 -10.36 -27.79 -33.31
N GLU C 346 -11.61 -27.85 -32.89
CA GLU C 346 -11.99 -28.80 -31.85
C GLU C 346 -12.11 -30.23 -32.33
N ARG C 347 -11.99 -30.50 -33.64
CA ARG C 347 -12.20 -31.83 -34.18
C ARG C 347 -10.87 -32.43 -34.64
N GLU C 348 -10.81 -33.76 -34.63
CA GLU C 348 -9.64 -34.51 -35.08
C GLU C 348 -10.00 -35.40 -36.27
N HIS C 349 -9.06 -35.52 -37.22
CA HIS C 349 -9.33 -36.26 -38.44
C HIS C 349 -8.06 -36.96 -38.93
N THR C 350 -8.14 -37.53 -40.12
CA THR C 350 -7.07 -38.32 -40.72
C THR C 350 -5.78 -37.51 -40.87
N ILE C 351 -4.65 -38.21 -40.73
CA ILE C 351 -3.34 -37.60 -40.99
C ILE C 351 -3.28 -37.08 -42.43
N GLU C 352 -3.70 -37.90 -43.39
CA GLU C 352 -3.72 -37.47 -44.78
C GLU C 352 -4.70 -36.32 -45.00
N GLU C 353 -5.83 -36.34 -44.30
CA GLU C 353 -6.79 -35.25 -44.41
C GLU C 353 -6.22 -33.93 -43.88
N TRP C 354 -5.34 -34.01 -42.87
CA TRP C 354 -4.73 -32.81 -42.32
C TRP C 354 -3.96 -32.04 -43.39
N LYS C 355 -3.10 -32.74 -44.14
CA LYS C 355 -2.24 -32.05 -45.10
C LYS C 355 -3.04 -31.41 -46.23
N GLU C 356 -4.04 -32.11 -46.77
CA GLU C 356 -4.88 -31.50 -47.80
C GLU C 356 -5.64 -30.31 -47.24
N LEU C 357 -6.05 -30.39 -45.97
CA LEU C 357 -6.78 -29.28 -45.35
C LEU C 357 -5.90 -28.05 -45.25
N ILE C 358 -4.64 -28.24 -44.82
CA ILE C 358 -3.69 -27.14 -44.65
C ILE C 358 -3.12 -26.73 -46.00
N TYR C 359 -2.91 -27.70 -46.91
CA TYR C 359 -2.40 -27.36 -48.24
C TYR C 359 -3.38 -26.43 -48.94
N LYS C 360 -4.67 -26.74 -48.85
CA LYS C 360 -5.68 -25.85 -49.38
C LYS C 360 -5.59 -24.48 -48.73
N GLU C 361 -5.50 -24.45 -47.39
CA GLU C 361 -5.57 -23.18 -46.67
C GLU C 361 -4.36 -22.30 -46.95
N VAL C 362 -3.16 -22.88 -47.04
CA VAL C 362 -1.99 -22.04 -47.27
C VAL C 362 -2.00 -21.46 -48.68
N MET C 363 -2.63 -22.12 -49.64
CA MET C 363 -2.65 -21.57 -50.98
C MET C 363 -3.96 -20.90 -51.37
N ASP C 364 -5.08 -21.28 -50.76
CA ASP C 364 -6.36 -20.64 -51.06
C ASP C 364 -6.67 -19.48 -50.12
#